data_8VJ9
#
_entry.id   8VJ9
#
_cell.length_a   1.00
_cell.length_b   1.00
_cell.length_c   1.00
_cell.angle_alpha   90.00
_cell.angle_beta   90.00
_cell.angle_gamma   90.00
#
_symmetry.space_group_name_H-M   'P 1'
#
loop_
_entity.id
_entity.type
_entity.pdbx_description
1 polymer 'Fab7 heavy chain'
2 polymer 'Fab7 light chain'
3 polymer 'Atypical chemokine receptor 3'
4 polymer Beta-arrestin-2
#
loop_
_entity_poly.entity_id
_entity_poly.type
_entity_poly.pdbx_seq_one_letter_code
_entity_poly.pdbx_strand_id
1 'polypeptide(L)'
;EISEVQLVESGGGLVQPGGSLRLSCAASGFNVSSSYIHWVRQAPGKGLEWVASISSYYGYTYYADSVKGRFTISADTSKN
TAYLQMNSLRAEDTAVYYCARKSMYHRGWGWLSWVYGAMDYWGQGTLVTVSSASTKGPSVFPLAPSSKSTSGGTAALGCL
VKDYFPEPVTVSWNSGALTSGVHTFPAVLQSSGLYSLSSVVTVPSSSLGTQTYICNVNHKPSNTKVDKKVEPKSCDKTHT
;
H
2 'polypeptide(L)'
;SDIQMTQSPSSLSASVGDRVTITCRASQSVSSAVAWYQQKPGKAPKLLIYSASSLYSGVPSRFSGSRSGTDFTLTISSLQ
PEDFATYYCQQSYYYPITFGQGTKVEIKRTVAAPSVFIFPPSDSQLKSGTASVVCLLNNFYPREAKVQWKVDNALQSGNS
QESVTEQDSKDSTYSLSSTLTLSKADYEKHKVYACEVTHQGLSSPVTKSFNRGEC
;
L
3 'polypeptide(L)'
;GAPDLHLFDYSEPGNFSDISWPCNSSDCIVVDTVMCPNMPNKSVLLYTLSFIYIFIFVIGMIANSVVVWVNIQAKTTGYD
THCYILNLAIADLWVVLTIPVWVVSLVQHNQWPMGELTCKVTHLIFSINLFGSIFFLTCMSVDRYLSITYFTNTPSSRKK
MVRRVVCILVWLLAFCVSLPDTYYLKTVTSASNNETYCRSFYPEHSIKEWLIGMELVSVVLGFAVPFSIIAVFYFLLARA
ISASSDQEKHSSRKIIFSYVVVFLVCWLPYHVAVLLDIFSILHYIPFTCRLEHALFTALHVTQCLSLVHCCVNPVLYSFI
NRNYRYELMKAFIFKYSAK(TPO)GL(TPO)KLIDASRVSETEYSALEQSTKGRPLEVLFQGPHHHHHHHHHHDYKDDDD
K
;
R
4 'polypeptide(L)'
;MGEKPGTRVFKKSSPNCKLTVYLGKRDFVDHLDKVDPVDGVVLVDPDYLKDRKVFVTLTCAFRYGREDLDVLGLSFRKDL
FIANYQAFPPTPNPPRPPTRLQERLLRKLGQHAHPFFFTIPQNLPCSVTLQPGPEDTGKACGVDFEIRAFCAKSLEEKSH
KRNSVRLVIRKVQFAPEKPGPQPSAETTRHFLMSDRSLHLEASLDKELYYHGEPLNVNVHVTNNSTKTVKKIKVSVRQYA
DICLFSTAQYKCPVAQVEQDDQVSPSSTFCKVYTITPLLSNNREKRGLALDGKLKHEDTNLASSTIVKEGANKEVLGILV
SYRVKVKLVVSRGGLLGDLASSDVSVELPFVLMHPKPHDHIALPRPQSAVPETDAPVDTNLIEFETNYATDDDIVFEDFA
;
A
#
# COMPACT_ATOMS: atom_id res chain seq x y z
N GLU A 4 0.06 12.52 12.29
CA GLU A 4 -1.03 12.04 11.45
C GLU A 4 -0.60 11.99 9.98
N VAL A 5 -1.13 11.00 9.26
CA VAL A 5 -0.81 10.79 7.86
C VAL A 5 -2.09 10.63 7.07
N GLN A 6 -2.13 11.17 5.86
CA GLN A 6 -3.29 11.04 4.99
C GLN A 6 -2.83 10.98 3.55
N LEU A 7 -3.67 10.37 2.73
CA LEU A 7 -3.57 10.47 1.28
C LEU A 7 -4.90 10.99 0.77
N VAL A 8 -4.84 11.91 -0.19
CA VAL A 8 -6.02 12.50 -0.81
C VAL A 8 -6.05 12.03 -2.25
N GLU A 9 -7.05 11.22 -2.59
CA GLU A 9 -7.16 10.60 -3.89
C GLU A 9 -8.16 11.40 -4.74
N SER A 10 -7.76 11.73 -5.97
CA SER A 10 -8.66 12.47 -6.85
C SER A 10 -8.27 12.23 -8.31
N GLY A 11 -9.21 12.53 -9.21
CA GLY A 11 -9.01 12.35 -10.64
C GLY A 11 -9.97 11.35 -11.27
N GLY A 12 -11.17 11.22 -10.71
CA GLY A 12 -12.11 10.22 -11.15
C GLY A 12 -13.29 10.75 -11.94
N GLY A 13 -13.40 10.34 -13.20
CA GLY A 13 -14.52 10.74 -14.02
C GLY A 13 -14.61 9.83 -15.23
N LEU A 14 -15.74 9.95 -15.94
CA LEU A 14 -16.00 9.03 -17.02
C LEU A 14 -14.91 9.10 -18.06
N VAL A 15 -14.76 8.03 -18.82
CA VAL A 15 -13.80 7.99 -19.90
C VAL A 15 -14.13 6.82 -20.80
N GLN A 16 -14.23 7.09 -22.10
CA GLN A 16 -14.58 6.06 -23.03
C GLN A 16 -13.45 5.04 -23.12
N PRO A 17 -13.74 3.82 -23.59
CA PRO A 17 -12.67 2.84 -23.78
C PRO A 17 -11.60 3.39 -24.70
N GLY A 18 -10.34 3.11 -24.36
CA GLY A 18 -9.22 3.66 -25.08
C GLY A 18 -8.87 5.09 -24.71
N GLY A 19 -9.61 5.70 -23.79
CA GLY A 19 -9.33 7.07 -23.38
C GLY A 19 -8.14 7.13 -22.44
N SER A 20 -8.21 7.96 -21.40
CA SER A 20 -7.13 8.02 -20.45
C SER A 20 -7.56 8.84 -19.25
N LEU A 21 -6.78 8.74 -18.17
CA LEU A 21 -7.05 9.45 -16.93
C LEU A 21 -5.73 9.68 -16.21
N ARG A 22 -5.77 10.59 -15.25
CA ARG A 22 -4.64 10.81 -14.36
C ARG A 22 -5.19 10.90 -12.96
N LEU A 23 -4.53 10.20 -12.04
CA LEU A 23 -4.92 10.14 -10.64
C LEU A 23 -3.85 10.85 -9.81
N SER A 24 -4.31 11.71 -8.91
CA SER A 24 -3.44 12.42 -7.99
C SER A 24 -3.67 11.89 -6.58
N CYS A 25 -2.58 11.68 -5.85
CA CYS A 25 -2.61 11.23 -4.47
C CYS A 25 -1.73 12.18 -3.68
N ALA A 26 -2.34 13.16 -3.02
CA ALA A 26 -1.60 14.14 -2.25
C ALA A 26 -1.29 13.57 -0.88
N ALA A 27 -0.02 13.59 -0.48
CA ALA A 27 0.45 12.94 0.73
C ALA A 27 0.65 13.98 1.82
N SER A 28 0.07 13.74 2.99
CA SER A 28 0.27 14.58 4.15
C SER A 28 0.78 13.72 5.31
N GLY A 29 1.67 14.29 6.12
CA GLY A 29 2.27 13.56 7.20
C GLY A 29 3.50 12.76 6.82
N PHE A 30 3.89 12.76 5.54
CA PHE A 30 5.06 12.03 5.11
C PHE A 30 5.47 12.55 3.73
N ASN A 31 6.39 11.84 3.09
CA ASN A 31 6.94 12.22 1.80
C ASN A 31 6.79 11.10 0.79
N VAL A 32 6.80 11.45 -0.48
CA VAL A 32 6.76 10.46 -1.55
C VAL A 32 8.12 9.77 -1.64
N SER A 33 9.10 10.30 -0.92
CA SER A 33 10.46 9.79 -1.01
C SER A 33 10.85 8.88 0.14
N SER A 34 10.22 9.00 1.30
CA SER A 34 10.39 8.09 2.41
C SER A 34 9.24 7.12 2.49
N SER A 35 8.75 6.67 1.34
CA SER A 35 7.57 5.81 1.31
C SER A 35 7.37 5.25 -0.08
N TYR A 36 7.03 3.96 -0.14
CA TYR A 36 6.61 3.29 -1.36
C TYR A 36 5.12 3.53 -1.53
N ILE A 37 4.74 4.38 -2.47
CA ILE A 37 3.33 4.75 -2.65
C ILE A 37 2.70 3.80 -3.66
N HIS A 38 1.62 3.12 -3.23
CA HIS A 38 0.92 2.08 -3.98
C HIS A 38 -0.47 2.56 -4.37
N TRP A 39 -0.84 2.33 -5.62
CA TRP A 39 -2.20 2.50 -6.11
C TRP A 39 -2.81 1.12 -6.31
N VAL A 40 -3.91 0.88 -5.62
CA VAL A 40 -4.65 -0.38 -5.70
C VAL A 40 -6.03 -0.05 -6.28
N ARG A 41 -6.75 -1.08 -6.73
CA ARG A 41 -8.06 -0.87 -7.33
C ARG A 41 -8.98 -2.01 -6.94
N GLN A 42 -10.25 -1.71 -6.70
CA GLN A 42 -11.25 -2.75 -6.50
C GLN A 42 -12.35 -2.63 -7.53
N ALA A 43 -12.49 -3.66 -8.37
CA ALA A 43 -13.47 -3.65 -9.44
C ALA A 43 -14.86 -3.62 -8.81
N PRO A 44 -15.93 -3.56 -9.61
CA PRO A 44 -17.26 -3.44 -9.00
C PRO A 44 -17.71 -4.72 -8.31
N GLY A 45 -17.69 -4.72 -6.99
CA GLY A 45 -18.05 -5.91 -6.23
C GLY A 45 -17.10 -7.07 -6.47
N LYS A 46 -15.80 -6.82 -6.43
CA LYS A 46 -14.80 -7.84 -6.68
C LYS A 46 -13.63 -7.60 -5.74
N GLY A 47 -12.55 -8.36 -5.94
CA GLY A 47 -11.45 -8.40 -5.00
C GLY A 47 -10.30 -7.49 -5.37
N LEU A 48 -9.64 -6.95 -4.34
CA LEU A 48 -8.56 -6.00 -4.53
C LEU A 48 -7.52 -6.55 -5.49
N GLU A 49 -6.81 -5.64 -6.14
CA GLU A 49 -5.71 -5.97 -7.02
C GLU A 49 -4.72 -4.82 -7.06
N TRP A 50 -3.54 -5.02 -6.51
CA TRP A 50 -2.53 -3.98 -6.47
C TRP A 50 -2.17 -3.57 -7.89
N VAL A 51 -2.38 -2.30 -8.22
CA VAL A 51 -2.17 -1.82 -9.57
C VAL A 51 -0.70 -1.51 -9.77
N ALA A 52 -0.16 -0.56 -9.01
CA ALA A 52 1.24 -0.22 -9.15
C ALA A 52 1.74 0.48 -7.89
N SER A 53 3.04 0.77 -7.87
CA SER A 53 3.64 1.47 -6.74
C SER A 53 5.01 1.99 -7.14
N ILE A 54 5.45 3.04 -6.44
CA ILE A 54 6.71 3.70 -6.76
C ILE A 54 7.43 4.10 -5.48
N SER A 55 8.74 4.29 -5.61
CA SER A 55 9.56 4.93 -4.58
C SER A 55 10.41 5.98 -5.27
N SER A 56 10.36 7.21 -4.77
CA SER A 56 11.14 8.28 -5.37
C SER A 56 12.63 8.09 -5.12
N TYR A 57 13.03 8.11 -3.84
CA TYR A 57 14.44 8.11 -3.48
C TYR A 57 15.25 7.19 -4.39
N TYR A 58 14.63 6.10 -4.85
CA TYR A 58 15.28 5.15 -5.72
C TYR A 58 14.77 5.19 -7.15
N GLY A 59 13.65 5.84 -7.40
CA GLY A 59 13.03 5.72 -8.71
C GLY A 59 12.62 4.30 -9.02
N TYR A 60 12.11 3.58 -8.03
CA TYR A 60 11.65 2.21 -8.22
C TYR A 60 10.19 2.23 -8.64
N THR A 61 9.85 1.44 -9.66
CA THR A 61 8.49 1.35 -10.16
C THR A 61 8.08 -0.11 -10.29
N TYR A 62 6.84 -0.41 -9.92
CA TYR A 62 6.29 -1.74 -10.08
C TYR A 62 4.84 -1.63 -10.51
N TYR A 63 4.43 -2.48 -11.45
CA TYR A 63 3.04 -2.54 -11.91
C TYR A 63 2.57 -3.98 -11.91
N ALA A 64 1.26 -4.17 -11.74
CA ALA A 64 0.69 -5.49 -11.88
C ALA A 64 0.83 -5.96 -13.32
N ASP A 65 0.85 -7.28 -13.50
CA ASP A 65 1.06 -7.84 -14.82
C ASP A 65 -0.04 -7.40 -15.79
N SER A 66 -1.27 -7.21 -15.29
CA SER A 66 -2.37 -6.80 -16.15
C SER A 66 -2.50 -5.28 -16.25
N VAL A 67 -1.67 -4.52 -15.55
CA VAL A 67 -1.75 -3.06 -15.57
C VAL A 67 -0.39 -2.49 -15.92
N LYS A 68 0.45 -3.29 -16.57
CA LYS A 68 1.76 -2.86 -17.01
C LYS A 68 1.64 -2.22 -18.39
N GLY A 69 2.38 -1.14 -18.61
CA GLY A 69 2.36 -0.47 -19.90
C GLY A 69 1.18 0.47 -20.02
N ARG A 70 -0.01 -0.03 -19.72
CA ARG A 70 -1.20 0.81 -19.75
C ARG A 70 -1.16 1.88 -18.67
N PHE A 71 -0.59 1.57 -17.52
CA PHE A 71 -0.41 2.50 -16.43
C PHE A 71 1.04 2.95 -16.37
N THR A 72 1.27 4.11 -15.77
CA THR A 72 2.62 4.55 -15.46
C THR A 72 2.57 5.50 -14.27
N ILE A 73 3.32 5.17 -13.23
CA ILE A 73 3.28 5.92 -11.98
C ILE A 73 4.55 6.74 -11.86
N SER A 74 4.43 7.88 -11.20
CA SER A 74 5.56 8.73 -10.86
C SER A 74 5.07 9.68 -9.77
N ALA A 75 5.84 10.73 -9.48
CA ALA A 75 5.47 11.60 -8.38
C ALA A 75 6.08 12.97 -8.57
N ASP A 76 5.76 13.86 -7.63
CA ASP A 76 6.28 15.21 -7.55
C ASP A 76 6.57 15.48 -6.08
N THR A 77 7.86 15.51 -5.73
CA THR A 77 8.23 15.73 -4.34
C THR A 77 8.17 17.20 -3.97
N SER A 78 8.06 18.09 -4.97
CA SER A 78 7.89 19.50 -4.68
C SER A 78 6.62 19.73 -3.89
N LYS A 79 5.49 19.22 -4.38
CA LYS A 79 4.20 19.36 -3.72
C LYS A 79 3.92 18.23 -2.73
N ASN A 80 4.78 17.21 -2.66
CA ASN A 80 4.52 16.02 -1.86
C ASN A 80 3.27 15.30 -2.38
N THR A 81 3.38 14.79 -3.61
CA THR A 81 2.24 14.14 -4.24
C THR A 81 2.72 13.02 -5.15
N ALA A 82 1.84 12.04 -5.37
CA ALA A 82 2.07 10.92 -6.25
C ALA A 82 1.05 10.97 -7.38
N TYR A 83 1.43 10.48 -8.56
CA TYR A 83 0.62 10.59 -9.77
C TYR A 83 0.63 9.27 -10.51
N LEU A 84 -0.54 8.83 -10.96
CA LEU A 84 -0.69 7.60 -11.70
C LEU A 84 -1.41 7.92 -13.01
N GLN A 85 -0.73 7.69 -14.12
CA GLN A 85 -1.26 7.96 -15.45
C GLN A 85 -1.83 6.67 -15.99
N MET A 86 -3.16 6.61 -16.14
CA MET A 86 -3.83 5.41 -16.63
C MET A 86 -4.17 5.65 -18.09
N ASN A 87 -3.47 4.96 -18.99
CA ASN A 87 -3.63 5.15 -20.41
C ASN A 87 -4.25 3.90 -21.02
N SER A 88 -5.10 4.11 -22.03
CA SER A 88 -5.85 3.03 -22.66
C SER A 88 -6.81 2.36 -21.67
N LEU A 89 -7.53 3.17 -20.91
CA LEU A 89 -8.50 2.64 -19.97
C LEU A 89 -9.53 1.79 -20.71
N ARG A 90 -9.79 0.60 -20.17
CA ARG A 90 -10.69 -0.38 -20.75
C ARG A 90 -11.80 -0.72 -19.77
N ALA A 91 -12.79 -1.47 -20.25
CA ALA A 91 -13.98 -1.73 -19.45
C ALA A 91 -13.62 -2.44 -18.14
N GLU A 92 -12.76 -3.46 -18.22
CA GLU A 92 -12.37 -4.18 -17.02
C GLU A 92 -11.72 -3.25 -16.00
N ASP A 93 -11.03 -2.21 -16.48
CA ASP A 93 -10.32 -1.33 -15.58
C ASP A 93 -11.24 -0.63 -14.60
N THR A 94 -12.53 -0.52 -14.91
CA THR A 94 -13.45 0.16 -14.01
C THR A 94 -13.20 -0.30 -12.59
N ALA A 95 -13.34 0.60 -11.64
CA ALA A 95 -13.16 0.22 -10.24
C ALA A 95 -13.46 1.43 -9.39
N VAL A 96 -13.25 1.29 -8.09
CA VAL A 96 -12.89 2.42 -7.25
C VAL A 96 -11.41 2.26 -6.97
N TYR A 97 -10.63 3.27 -7.32
CA TYR A 97 -9.18 3.22 -7.19
C TYR A 97 -8.75 3.86 -5.89
N TYR A 98 -7.97 3.14 -5.11
CA TYR A 98 -7.48 3.55 -3.82
C TYR A 98 -5.98 3.83 -3.88
N CYS A 99 -5.51 4.63 -2.94
CA CYS A 99 -4.10 4.95 -2.82
C CYS A 99 -3.70 4.71 -1.36
N ALA A 100 -2.64 3.92 -1.16
CA ALA A 100 -2.07 3.72 0.16
C ALA A 100 -0.56 3.67 0.04
N ARG A 101 0.13 3.61 1.18
CA ARG A 101 1.57 3.80 1.19
C ARG A 101 2.23 2.79 2.10
N LYS A 102 3.47 2.43 1.76
CA LYS A 102 4.33 1.55 2.54
C LYS A 102 5.50 2.39 3.04
N SER A 103 5.42 2.84 4.28
CA SER A 103 6.50 3.65 4.83
C SER A 103 7.80 2.87 4.74
N MET A 104 8.81 3.49 4.13
CA MET A 104 10.09 2.82 4.02
C MET A 104 10.80 2.71 5.35
N TYR A 105 10.28 3.36 6.37
CA TYR A 105 10.90 3.40 7.69
C TYR A 105 10.71 2.05 8.37
N HIS A 106 11.01 2.00 9.67
CA HIS A 106 10.86 0.84 10.54
C HIS A 106 12.00 -0.15 10.42
N ARG A 107 12.95 0.07 9.51
CA ARG A 107 14.14 -0.77 9.51
C ARG A 107 14.90 -0.64 10.81
N GLY A 108 14.67 0.44 11.55
CA GLY A 108 15.38 0.71 12.79
C GLY A 108 16.28 1.91 12.59
N TRP A 109 16.96 1.96 11.45
CA TRP A 109 17.79 3.10 11.09
C TRP A 109 17.36 3.76 9.78
N GLY A 110 17.24 3.02 8.69
CA GLY A 110 17.16 3.62 7.37
C GLY A 110 16.07 3.03 6.51
N TRP A 111 16.30 3.06 5.19
CA TRP A 111 15.31 2.62 4.22
C TRP A 111 15.40 1.12 4.02
N LEU A 112 14.28 0.42 4.22
CA LEU A 112 14.20 -1.01 3.93
C LEU A 112 13.75 -1.16 2.49
N SER A 113 14.73 -1.27 1.59
CA SER A 113 14.47 -1.27 0.15
C SER A 113 13.87 -2.57 -0.35
N TRP A 114 13.71 -3.58 0.50
CA TRP A 114 13.31 -4.91 0.05
C TRP A 114 12.17 -5.48 0.87
N VAL A 115 11.29 -4.64 1.38
CA VAL A 115 10.12 -5.12 2.12
C VAL A 115 8.85 -5.01 1.29
N TYR A 116 8.57 -3.85 0.70
CA TYR A 116 7.31 -3.63 0.00
C TYR A 116 6.13 -4.03 0.88
N GLY A 117 6.19 -3.66 2.16
CA GLY A 117 5.33 -4.25 3.17
C GLY A 117 3.87 -3.90 3.01
N ALA A 118 3.12 -4.04 4.10
CA ALA A 118 1.67 -3.87 4.01
C ALA A 118 1.33 -2.41 3.72
N MET A 119 0.35 -2.20 2.84
CA MET A 119 -0.15 -0.87 2.50
C MET A 119 -1.03 -0.39 3.64
N ASP A 120 -0.48 0.40 4.54
CA ASP A 120 -1.11 0.57 5.85
C ASP A 120 -1.95 1.82 5.97
N TYR A 121 -1.88 2.76 5.03
CA TYR A 121 -2.69 3.98 5.08
C TYR A 121 -3.40 4.14 3.75
N TRP A 122 -4.69 3.84 3.72
CA TRP A 122 -5.53 3.95 2.54
C TRP A 122 -6.31 5.27 2.56
N GLY A 123 -6.46 5.85 1.38
CA GLY A 123 -7.27 7.05 1.25
C GLY A 123 -8.73 6.71 1.28
N GLN A 124 -9.53 7.34 0.40
CA GLN A 124 -10.96 7.08 0.36
C GLN A 124 -11.42 6.55 -0.99
N GLY A 125 -10.62 6.67 -2.03
CA GLY A 125 -10.91 5.94 -3.25
C GLY A 125 -11.78 6.74 -4.18
N THR A 126 -11.32 6.98 -5.39
CA THR A 126 -12.09 7.72 -6.39
C THR A 126 -12.60 6.75 -7.44
N LEU A 127 -13.86 6.93 -7.84
CA LEU A 127 -14.50 5.99 -8.75
C LEU A 127 -14.03 6.23 -10.16
N VAL A 128 -13.42 5.21 -10.77
CA VAL A 128 -12.97 5.27 -12.15
C VAL A 128 -13.95 4.47 -12.99
N THR A 129 -14.52 5.13 -13.99
CA THR A 129 -15.49 4.56 -14.90
C THR A 129 -14.83 4.27 -16.24
N VAL A 130 -15.47 3.41 -17.02
CA VAL A 130 -15.12 3.25 -18.43
C VAL A 130 -16.37 2.83 -19.17
N SER A 131 -16.80 3.64 -20.13
CA SER A 131 -18.06 3.37 -20.81
C SER A 131 -18.19 4.13 -22.12
N SER A 132 -18.45 3.40 -23.21
CA SER A 132 -18.73 4.01 -24.50
C SER A 132 -20.23 4.27 -24.63
N ALA A 133 -20.78 4.95 -23.63
CA ALA A 133 -22.21 5.21 -23.58
C ALA A 133 -22.44 6.52 -22.86
N SER A 134 -23.43 7.26 -23.33
CA SER A 134 -23.70 8.62 -22.86
C SER A 134 -24.94 8.64 -21.98
N THR A 135 -25.04 9.68 -21.17
CA THR A 135 -26.09 9.77 -20.16
C THR A 135 -27.47 9.61 -20.80
N LYS A 136 -28.34 8.88 -20.11
CA LYS A 136 -29.72 8.71 -20.49
C LYS A 136 -30.60 8.84 -19.26
N GLY A 137 -31.91 8.82 -19.47
CA GLY A 137 -32.86 8.95 -18.39
C GLY A 137 -33.50 7.62 -18.04
N PRO A 138 -33.79 7.40 -16.76
CA PRO A 138 -34.43 6.15 -16.37
C PRO A 138 -35.81 6.00 -16.98
N SER A 139 -36.11 4.80 -17.43
CA SER A 139 -37.44 4.42 -17.90
C SER A 139 -38.08 3.60 -16.79
N VAL A 140 -39.14 4.13 -16.18
CA VAL A 140 -39.75 3.55 -15.00
C VAL A 140 -41.03 2.84 -15.40
N PHE A 141 -41.22 1.65 -14.89
CA PHE A 141 -42.46 0.91 -15.08
C PHE A 141 -43.04 0.51 -13.74
N PRO A 142 -44.35 0.30 -13.66
CA PRO A 142 -44.95 -0.19 -12.42
C PRO A 142 -45.03 -1.70 -12.38
N LEU A 143 -44.66 -2.26 -11.24
CA LEU A 143 -44.78 -3.69 -10.97
C LEU A 143 -45.90 -3.85 -9.95
N ALA A 144 -47.01 -4.44 -10.38
CA ALA A 144 -48.18 -4.64 -9.54
C ALA A 144 -48.69 -6.06 -9.71
N PRO A 145 -49.40 -6.59 -8.70
CA PRO A 145 -49.94 -7.96 -8.77
C PRO A 145 -51.00 -8.12 -9.86
N THR A 154 -50.41 -11.19 1.29
CA THR A 154 -49.67 -9.95 1.08
C THR A 154 -49.20 -9.86 -0.37
N ALA A 155 -49.44 -8.70 -0.98
CA ALA A 155 -49.00 -8.47 -2.36
C ALA A 155 -47.82 -7.52 -2.38
N ALA A 156 -46.83 -7.82 -3.19
CA ALA A 156 -45.67 -6.97 -3.36
C ALA A 156 -45.83 -6.15 -4.64
N LEU A 157 -45.13 -5.03 -4.69
CA LEU A 157 -45.16 -4.17 -5.87
C LEU A 157 -44.04 -3.16 -5.78
N GLY A 158 -43.70 -2.58 -6.92
CA GLY A 158 -42.57 -1.68 -6.96
C GLY A 158 -42.56 -0.88 -8.25
N CYS A 159 -41.46 -0.15 -8.44
CA CYS A 159 -41.15 0.44 -9.73
C CYS A 159 -39.85 -0.13 -10.24
N LEU A 160 -39.87 -0.56 -11.48
CA LEU A 160 -38.70 -1.07 -12.17
C LEU A 160 -38.09 0.10 -12.92
N VAL A 161 -36.94 0.57 -12.44
CA VAL A 161 -36.25 1.74 -12.99
C VAL A 161 -35.15 1.21 -13.88
N LYS A 162 -35.43 1.07 -15.18
CA LYS A 162 -34.49 0.44 -16.09
C LYS A 162 -33.79 1.50 -16.93
N ASP A 163 -32.63 1.13 -17.46
CA ASP A 163 -31.95 1.90 -18.50
C ASP A 163 -31.74 3.35 -18.09
N TYR A 164 -30.89 3.51 -17.08
CA TYR A 164 -30.34 4.81 -16.73
C TYR A 164 -28.82 4.73 -16.77
N PHE A 165 -28.17 5.88 -16.65
CA PHE A 165 -26.72 5.98 -16.80
C PHE A 165 -26.26 7.35 -16.30
N PRO A 166 -25.27 7.44 -15.39
CA PRO A 166 -24.62 6.42 -14.57
C PRO A 166 -25.19 6.37 -13.16
N GLU A 167 -24.54 5.71 -12.21
CA GLU A 167 -25.03 5.74 -10.84
C GLU A 167 -25.17 7.19 -10.39
N PRO A 168 -25.92 7.45 -9.31
CA PRO A 168 -26.84 6.59 -8.59
C PRO A 168 -28.29 7.02 -8.82
N VAL A 169 -29.24 6.33 -8.19
CA VAL A 169 -30.64 6.70 -8.23
C VAL A 169 -31.17 6.66 -6.80
N THR A 170 -32.17 7.48 -6.51
CA THR A 170 -32.76 7.57 -5.18
C THR A 170 -34.27 7.44 -5.33
N VAL A 171 -34.74 6.19 -5.37
CA VAL A 171 -36.16 5.93 -5.51
C VAL A 171 -36.82 6.09 -4.15
N SER A 172 -37.86 6.91 -4.10
CA SER A 172 -38.62 7.15 -2.88
C SER A 172 -40.09 6.87 -3.18
N TRP A 173 -40.82 6.43 -2.16
CA TRP A 173 -42.19 5.98 -2.32
C TRP A 173 -43.11 6.94 -1.58
N ASN A 174 -43.85 7.75 -2.34
CA ASN A 174 -44.80 8.67 -1.73
C ASN A 174 -44.07 9.69 -0.86
N SER A 180 -40.30 2.16 4.22
CA SER A 180 -40.66 0.94 4.94
C SER A 180 -40.89 -0.21 3.97
N GLY A 181 -40.03 -1.22 4.03
CA GLY A 181 -40.19 -2.42 3.22
C GLY A 181 -39.69 -2.30 1.80
N VAL A 182 -39.02 -1.20 1.44
CA VAL A 182 -38.55 -0.98 0.08
C VAL A 182 -37.19 -1.65 -0.08
N HIS A 183 -37.08 -2.56 -1.05
CA HIS A 183 -35.85 -3.29 -1.31
C HIS A 183 -35.42 -3.03 -2.75
N THR A 184 -34.48 -2.12 -2.93
CA THR A 184 -33.99 -1.76 -4.25
C THR A 184 -32.73 -2.57 -4.56
N PHE A 185 -32.77 -3.31 -5.65
CA PHE A 185 -31.80 -4.37 -5.89
C PHE A 185 -30.61 -3.82 -6.66
N PRO A 186 -29.36 -3.99 -6.15
CA PRO A 186 -28.22 -3.25 -6.69
C PRO A 186 -28.24 -3.06 -8.18
N ALA A 187 -28.04 -1.83 -8.63
CA ALA A 187 -28.03 -1.58 -10.06
C ALA A 187 -26.95 -2.43 -10.72
N VAL A 188 -27.32 -3.04 -11.84
CA VAL A 188 -26.43 -3.98 -12.52
C VAL A 188 -25.99 -3.35 -13.83
N LEU A 189 -25.18 -4.10 -14.55
CA LEU A 189 -24.76 -3.70 -15.88
C LEU A 189 -25.25 -4.73 -16.88
N GLN A 190 -25.89 -4.26 -17.95
CA GLN A 190 -26.50 -5.12 -18.95
C GLN A 190 -25.55 -5.25 -20.14
N SER A 191 -26.01 -5.90 -21.21
CA SER A 191 -25.15 -6.05 -22.38
C SER A 191 -24.83 -4.70 -22.99
N SER A 192 -25.85 -3.87 -23.21
CA SER A 192 -25.62 -2.52 -23.71
C SER A 192 -24.86 -1.68 -22.69
N GLY A 193 -25.04 -1.97 -21.41
CA GLY A 193 -24.27 -1.33 -20.36
C GLY A 193 -25.09 -0.56 -19.37
N LEU A 194 -26.35 -0.28 -19.70
CA LEU A 194 -27.14 0.63 -18.90
C LEU A 194 -27.39 0.06 -17.51
N TYR A 195 -27.57 0.95 -16.56
CA TYR A 195 -27.77 0.59 -15.16
C TYR A 195 -29.26 0.42 -14.86
N SER A 196 -29.68 -0.83 -14.69
CA SER A 196 -31.04 -1.17 -14.29
C SER A 196 -31.14 -1.16 -12.78
N LEU A 197 -32.37 -1.21 -12.28
CA LEU A 197 -32.62 -1.58 -10.90
C LEU A 197 -34.12 -1.73 -10.72
N SER A 198 -34.49 -2.45 -9.67
CA SER A 198 -35.89 -2.64 -9.32
C SER A 198 -36.05 -2.27 -7.86
N SER A 199 -37.13 -1.59 -7.53
CA SER A 199 -37.39 -1.23 -6.14
C SER A 199 -38.79 -1.67 -5.80
N VAL A 200 -38.90 -2.62 -4.87
CA VAL A 200 -40.17 -3.24 -4.54
C VAL A 200 -40.35 -3.23 -3.02
N VAL A 201 -41.61 -3.36 -2.62
CA VAL A 201 -42.01 -3.41 -1.22
C VAL A 201 -43.32 -4.18 -1.16
N THR A 202 -43.58 -4.80 -0.01
CA THR A 202 -44.75 -5.64 0.19
C THR A 202 -45.76 -4.92 1.07
N VAL A 203 -47.01 -4.88 0.61
CA VAL A 203 -48.11 -4.28 1.36
C VAL A 203 -49.26 -5.29 1.33
N PRO A 204 -50.16 -5.29 2.31
CA PRO A 204 -51.35 -6.14 2.20
C PRO A 204 -52.18 -5.77 0.99
N SER A 205 -52.75 -6.79 0.34
CA SER A 205 -53.56 -6.56 -0.84
C SER A 205 -54.85 -5.83 -0.53
N SER A 206 -55.21 -5.71 0.75
CA SER A 206 -56.48 -5.08 1.11
C SER A 206 -56.54 -3.64 0.63
N SER A 207 -55.45 -2.89 0.80
CA SER A 207 -55.38 -1.50 0.37
C SER A 207 -54.74 -1.36 -1.00
N LEU A 208 -54.73 -2.43 -1.79
CA LEU A 208 -54.10 -2.43 -3.10
C LEU A 208 -54.76 -1.42 -4.04
N THR A 212 -53.30 3.50 -3.41
CA THR A 212 -52.46 4.24 -4.34
C THR A 212 -51.02 4.32 -3.81
N TYR A 213 -50.05 4.14 -4.71
CA TYR A 213 -48.65 4.15 -4.36
C TYR A 213 -47.90 5.04 -5.35
N ILE A 214 -47.00 5.87 -4.85
CA ILE A 214 -46.30 6.86 -5.66
C ILE A 214 -44.81 6.57 -5.61
N CYS A 215 -44.24 6.25 -6.77
CA CYS A 215 -42.80 6.03 -6.89
C CYS A 215 -42.16 7.26 -7.49
N ASN A 216 -41.11 7.76 -6.83
CA ASN A 216 -40.41 8.97 -7.24
C ASN A 216 -38.98 8.61 -7.59
N VAL A 217 -38.70 8.52 -8.88
CA VAL A 217 -37.38 8.19 -9.40
C VAL A 217 -36.63 9.48 -9.68
N ASN A 218 -35.42 9.60 -9.15
CA ASN A 218 -34.58 10.77 -9.32
C ASN A 218 -33.26 10.34 -9.95
N HIS A 219 -32.84 11.06 -11.00
CA HIS A 219 -31.59 10.77 -11.71
C HIS A 219 -30.86 12.10 -11.87
N LYS A 220 -30.02 12.43 -10.90
CA LYS A 220 -29.29 13.69 -10.97
C LYS A 220 -28.39 13.80 -12.19
N PRO A 221 -27.63 12.77 -12.59
CA PRO A 221 -26.77 12.93 -13.77
C PRO A 221 -27.51 13.40 -15.01
N SER A 222 -28.75 12.97 -15.22
CA SER A 222 -29.58 13.50 -16.29
C SER A 222 -30.63 14.47 -15.78
N ASN A 223 -30.68 14.73 -14.47
CA ASN A 223 -31.67 15.62 -13.89
C ASN A 223 -33.08 15.20 -14.31
N THR A 224 -33.29 13.89 -14.42
CA THR A 224 -34.57 13.33 -14.84
C THR A 224 -35.29 12.81 -13.60
N LYS A 225 -36.45 13.40 -13.31
CA LYS A 225 -37.28 12.98 -12.20
C LYS A 225 -38.62 12.52 -12.74
N VAL A 226 -39.02 11.32 -12.36
CA VAL A 226 -40.27 10.73 -12.82
C VAL A 226 -41.09 10.32 -11.61
N ASP A 227 -42.40 10.37 -11.76
CA ASP A 227 -43.32 9.92 -10.73
C ASP A 227 -44.33 8.97 -11.36
N LYS A 228 -44.47 7.80 -10.76
CA LYS A 228 -45.35 6.77 -11.29
C LYS A 228 -46.35 6.35 -10.22
N LYS A 229 -47.53 5.96 -10.69
CA LYS A 229 -48.63 5.55 -9.83
C LYS A 229 -48.82 4.04 -9.94
N VAL A 230 -48.97 3.37 -8.80
CA VAL A 230 -49.11 1.93 -8.73
C VAL A 230 -50.27 1.60 -7.81
N GLU A 231 -51.24 0.84 -8.33
CA GLU A 231 -52.35 0.35 -7.51
C GLU A 231 -53.20 -0.64 -8.31
N ASP B 2 3.74 -15.12 -11.25
CA ASP B 2 3.08 -14.55 -10.08
C ASP B 2 2.99 -15.59 -8.96
N ILE B 3 2.16 -15.31 -7.97
CA ILE B 3 2.04 -16.18 -6.80
C ILE B 3 0.58 -16.33 -6.43
N GLN B 4 -0.03 -17.46 -6.80
CA GLN B 4 -1.45 -17.64 -6.54
C GLN B 4 -1.70 -17.85 -5.06
N MET B 5 -2.00 -16.76 -4.34
CA MET B 5 -2.31 -16.82 -2.92
C MET B 5 -3.73 -17.33 -2.76
N THR B 6 -3.87 -18.65 -2.77
CA THR B 6 -5.21 -19.23 -2.63
C THR B 6 -5.70 -19.06 -1.20
N GLN B 7 -7.01 -18.96 -1.04
CA GLN B 7 -7.61 -18.71 0.25
C GLN B 7 -8.82 -19.62 0.43
N SER B 8 -9.13 -19.92 1.68
CA SER B 8 -10.29 -20.74 2.01
C SER B 8 -10.83 -20.33 3.38
N PRO B 9 -12.15 -20.44 3.57
CA PRO B 9 -13.17 -20.85 2.62
C PRO B 9 -13.50 -19.72 1.66
N SER B 10 -14.23 -19.98 0.57
CA SER B 10 -14.67 -18.88 -0.28
C SER B 10 -15.56 -17.91 0.48
N SER B 11 -16.43 -18.43 1.35
CA SER B 11 -17.19 -17.62 2.29
C SER B 11 -17.60 -18.53 3.43
N LEU B 12 -17.76 -17.93 4.60
CA LEU B 12 -18.11 -18.69 5.79
C LEU B 12 -19.25 -17.98 6.50
N SER B 13 -19.99 -18.76 7.27
CA SER B 13 -21.15 -18.26 8.00
C SER B 13 -20.92 -18.41 9.49
N ALA B 14 -21.25 -17.36 10.23
CA ALA B 14 -21.04 -17.38 11.67
C ALA B 14 -21.72 -16.17 12.29
N SER B 15 -22.13 -16.32 13.53
CA SER B 15 -22.82 -15.28 14.28
C SER B 15 -21.85 -14.64 15.27
N VAL B 16 -22.39 -13.80 16.15
CA VAL B 16 -21.58 -13.15 17.17
C VAL B 16 -20.94 -14.20 18.07
N GLY B 17 -19.71 -13.95 18.48
CA GLY B 17 -19.01 -14.82 19.42
C GLY B 17 -18.31 -16.00 18.79
N ASP B 18 -18.44 -16.20 17.48
CA ASP B 18 -17.80 -17.33 16.83
C ASP B 18 -16.29 -17.14 16.81
N ARG B 19 -15.58 -18.25 16.57
CA ARG B 19 -14.13 -18.25 16.39
C ARG B 19 -13.86 -18.58 14.92
N VAL B 20 -13.67 -17.54 14.11
CA VAL B 20 -13.48 -17.73 12.68
C VAL B 20 -12.01 -17.96 12.39
N THR B 21 -11.74 -18.77 11.36
CA THR B 21 -10.39 -19.12 10.96
C THR B 21 -10.34 -19.20 9.45
N ILE B 22 -9.57 -18.30 8.83
CA ILE B 22 -9.45 -18.25 7.38
C ILE B 22 -8.01 -18.60 7.03
N THR B 23 -7.85 -19.53 6.09
CA THR B 23 -6.54 -20.10 5.77
C THR B 23 -6.10 -19.61 4.40
N CYS B 24 -4.96 -18.95 4.36
CA CYS B 24 -4.40 -18.40 3.13
C CYS B 24 -3.11 -19.14 2.85
N ARG B 25 -3.11 -19.94 1.78
CA ARG B 25 -1.95 -20.74 1.41
C ARG B 25 -1.32 -20.14 0.16
N ALA B 26 -0.01 -19.94 0.21
CA ALA B 26 0.74 -19.38 -0.89
C ALA B 26 1.32 -20.50 -1.73
N SER B 27 0.94 -20.53 -3.01
CA SER B 27 1.41 -21.58 -3.90
C SER B 27 2.93 -21.70 -3.85
N GLN B 28 3.61 -20.57 -3.79
CA GLN B 28 5.06 -20.49 -3.67
C GLN B 28 5.43 -20.09 -2.25
N SER B 29 6.70 -20.23 -1.93
CA SER B 29 7.15 -19.97 -0.56
C SER B 29 7.00 -18.51 -0.20
N VAL B 30 6.66 -18.25 1.05
CA VAL B 30 6.60 -16.90 1.60
C VAL B 30 7.36 -16.89 2.92
N SER B 31 7.80 -15.70 3.33
CA SER B 31 8.69 -15.59 4.47
C SER B 31 8.13 -14.65 5.52
N SER B 32 6.88 -14.86 5.92
CA SER B 32 6.20 -14.05 6.90
C SER B 32 5.78 -12.72 6.29
N ALA B 33 5.58 -12.67 4.99
CA ALA B 33 5.07 -11.47 4.33
C ALA B 33 3.64 -11.77 3.92
N VAL B 34 2.70 -11.35 4.75
CA VAL B 34 1.28 -11.53 4.46
C VAL B 34 0.50 -10.46 5.18
N ALA B 35 -0.54 -9.97 4.52
CA ALA B 35 -1.44 -9.01 5.14
C ALA B 35 -2.87 -9.40 4.84
N TRP B 36 -3.75 -9.10 5.79
CA TRP B 36 -5.16 -9.44 5.71
C TRP B 36 -5.95 -8.15 5.81
N TYR B 37 -6.63 -7.78 4.73
CA TYR B 37 -7.33 -6.51 4.66
C TYR B 37 -8.82 -6.76 4.79
N GLN B 38 -9.43 -6.02 5.72
CA GLN B 38 -10.83 -6.15 6.07
C GLN B 38 -11.61 -5.04 5.38
N GLN B 39 -11.98 -5.30 4.14
CA GLN B 39 -12.75 -4.31 3.37
C GLN B 39 -14.23 -4.46 3.64
N LYS B 40 -14.82 -3.46 4.28
CA LYS B 40 -16.27 -3.38 4.34
C LYS B 40 -16.81 -3.10 2.95
N PRO B 41 -18.10 -3.37 2.72
CA PRO B 41 -18.67 -3.01 1.41
C PRO B 41 -18.62 -1.50 1.19
N GLY B 42 -17.95 -1.09 0.12
CA GLY B 42 -17.85 0.32 -0.23
C GLY B 42 -16.62 1.04 0.31
N LYS B 43 -16.40 1.00 1.63
CA LYS B 43 -15.25 1.69 2.20
C LYS B 43 -13.96 1.03 1.71
N ALA B 44 -12.82 1.64 2.08
CA ALA B 44 -11.57 1.21 1.49
C ALA B 44 -10.87 0.18 2.38
N PRO B 45 -10.09 -0.72 1.78
CA PRO B 45 -9.44 -1.77 2.58
C PRO B 45 -8.69 -1.15 3.75
N LYS B 46 -8.56 -1.92 4.83
CA LYS B 46 -7.78 -1.51 5.98
C LYS B 46 -6.69 -2.54 6.23
N LEU B 47 -5.59 -2.10 6.84
CA LEU B 47 -4.55 -3.02 7.27
C LEU B 47 -4.98 -3.72 8.56
N LEU B 48 -4.79 -5.04 8.60
CA LEU B 48 -4.94 -5.81 9.83
C LEU B 48 -3.65 -6.46 10.27
N ILE B 49 -2.98 -7.18 9.37
CA ILE B 49 -1.89 -8.09 9.71
C ILE B 49 -0.69 -7.75 8.84
N TYR B 50 0.49 -7.64 9.45
CA TYR B 50 1.73 -7.57 8.71
C TYR B 50 2.74 -8.49 9.40
N SER B 51 3.75 -8.89 8.63
CA SER B 51 4.74 -9.87 9.09
C SER B 51 4.15 -11.26 9.22
N ALA B 52 2.90 -11.45 8.78
CA ALA B 52 2.13 -12.67 8.97
C ALA B 52 1.60 -12.79 10.39
N SER B 53 2.15 -12.03 11.33
CA SER B 53 1.71 -12.14 12.70
C SER B 53 1.74 -10.84 13.50
N SER B 54 2.11 -9.72 12.90
CA SER B 54 2.27 -8.49 13.66
C SER B 54 0.94 -7.76 13.71
N LEU B 55 0.41 -7.57 14.91
CA LEU B 55 -0.84 -6.84 15.06
C LEU B 55 -0.63 -5.37 14.74
N TYR B 56 -1.19 -4.92 13.62
CA TYR B 56 -1.11 -3.51 13.28
C TYR B 56 -1.78 -2.67 14.36
N SER B 57 -1.17 -1.54 14.69
CA SER B 57 -1.67 -0.70 15.77
C SER B 57 -3.12 -0.32 15.50
N GLY B 58 -3.95 -0.43 16.54
CA GLY B 58 -5.35 -0.11 16.45
C GLY B 58 -6.25 -1.28 16.13
N VAL B 59 -5.71 -2.36 15.58
CA VAL B 59 -6.53 -3.56 15.35
C VAL B 59 -6.94 -4.15 16.69
N PRO B 60 -8.21 -4.42 16.93
CA PRO B 60 -8.60 -4.98 18.24
C PRO B 60 -7.87 -6.27 18.55
N SER B 61 -7.52 -6.45 19.82
CA SER B 61 -6.70 -7.58 20.21
C SER B 61 -7.38 -8.91 19.90
N ARG B 62 -8.70 -8.91 19.68
CA ARG B 62 -9.37 -10.15 19.29
C ARG B 62 -8.84 -10.65 17.95
N PHE B 63 -8.32 -9.75 17.12
CA PHE B 63 -7.76 -10.15 15.84
C PHE B 63 -6.37 -10.75 16.03
N SER B 64 -6.06 -11.78 15.23
CA SER B 64 -4.72 -12.33 15.27
C SER B 64 -4.48 -13.16 14.03
N GLY B 65 -3.22 -13.55 13.83
CA GLY B 65 -2.87 -14.45 12.76
C GLY B 65 -1.50 -15.05 13.03
N SER B 66 -1.16 -16.06 12.23
CA SER B 66 0.13 -16.71 12.41
C SER B 66 0.51 -17.46 11.15
N ARG B 67 1.74 -17.98 11.17
CA ARG B 67 2.34 -18.66 10.02
C ARG B 67 2.66 -20.10 10.38
N SER B 68 2.42 -20.99 9.44
CA SER B 68 2.76 -22.41 9.59
C SER B 68 3.33 -22.93 8.28
N GLY B 69 4.24 -22.17 7.69
CA GLY B 69 4.83 -22.54 6.41
C GLY B 69 4.35 -21.61 5.32
N THR B 70 3.84 -22.19 4.24
CA THR B 70 3.14 -21.41 3.22
C THR B 70 1.66 -21.27 3.54
N ASP B 71 1.22 -21.74 4.71
CA ASP B 71 -0.17 -21.66 5.13
C ASP B 71 -0.28 -20.65 6.27
N PHE B 72 -0.44 -19.38 5.91
CA PHE B 72 -0.75 -18.39 6.91
C PHE B 72 -2.23 -18.49 7.27
N THR B 73 -2.58 -17.98 8.44
CA THR B 73 -3.96 -18.09 8.88
C THR B 73 -4.34 -16.88 9.73
N LEU B 74 -5.59 -16.47 9.57
CA LEU B 74 -6.15 -15.31 10.24
C LEU B 74 -7.30 -15.78 11.11
N THR B 75 -7.27 -15.40 12.39
CA THR B 75 -8.25 -15.82 13.37
C THR B 75 -8.88 -14.60 14.02
N ILE B 76 -10.17 -14.73 14.32
CA ILE B 76 -10.95 -13.71 14.99
C ILE B 76 -11.61 -14.40 16.19
N SER B 77 -11.10 -14.11 17.38
CA SER B 77 -11.58 -14.82 18.57
C SER B 77 -13.06 -14.61 18.78
N SER B 78 -13.50 -13.34 18.80
CA SER B 78 -14.90 -12.99 18.98
C SER B 78 -15.34 -12.22 17.75
N LEU B 79 -16.00 -12.90 16.81
CA LEU B 79 -16.46 -12.24 15.61
C LEU B 79 -17.60 -11.31 15.99
N GLN B 80 -17.27 -10.04 16.25
CA GLN B 80 -18.27 -9.10 16.74
C GLN B 80 -19.25 -8.74 15.64
N PRO B 81 -20.41 -8.19 16.01
CA PRO B 81 -21.39 -7.77 14.99
C PRO B 81 -20.81 -6.76 14.02
N GLU B 82 -19.75 -6.05 14.39
CA GLU B 82 -19.22 -4.96 13.59
C GLU B 82 -18.06 -5.39 12.69
N ASP B 83 -17.41 -6.51 12.97
CA ASP B 83 -16.28 -6.97 12.17
C ASP B 83 -16.72 -7.93 11.08
N PHE B 84 -17.70 -7.51 10.28
CA PHE B 84 -18.14 -8.25 9.10
C PHE B 84 -17.66 -7.46 7.88
N ALA B 85 -17.01 -8.16 6.97
CA ALA B 85 -16.40 -7.53 5.80
C ALA B 85 -15.99 -8.65 4.87
N THR B 86 -15.18 -8.34 3.87
CA THR B 86 -14.42 -9.35 3.17
C THR B 86 -12.96 -9.24 3.59
N TYR B 87 -12.28 -10.39 3.66
CA TYR B 87 -10.91 -10.45 4.18
C TYR B 87 -10.00 -10.98 3.09
N TYR B 88 -9.14 -10.12 2.54
CA TYR B 88 -8.21 -10.53 1.49
C TYR B 88 -6.83 -10.74 2.07
N CYS B 89 -6.16 -11.81 1.67
CA CYS B 89 -4.79 -12.06 2.07
C CYS B 89 -3.87 -11.72 0.92
N GLN B 90 -2.72 -11.13 1.23
CA GLN B 90 -1.85 -10.54 0.23
C GLN B 90 -0.40 -10.81 0.60
N GLN B 91 0.33 -11.42 -0.34
CA GLN B 91 1.76 -11.61 -0.18
C GLN B 91 2.48 -10.35 -0.58
N SER B 92 2.97 -9.60 0.40
CA SER B 92 3.74 -8.39 0.11
C SER B 92 5.22 -8.72 -0.09
N TYR B 93 5.53 -9.98 -0.39
CA TYR B 93 6.94 -10.39 -0.47
C TYR B 93 7.54 -10.05 -1.82
N TYR B 94 7.00 -10.62 -2.87
CA TYR B 94 7.59 -10.49 -4.20
C TYR B 94 6.89 -9.37 -4.96
N TYR B 95 7.22 -9.26 -6.24
CA TYR B 95 6.47 -8.46 -7.19
C TYR B 95 6.22 -9.30 -8.43
N PRO B 96 5.04 -9.20 -9.03
CA PRO B 96 3.92 -8.34 -8.67
C PRO B 96 3.17 -8.84 -7.45
N ILE B 97 2.79 -7.91 -6.58
CA ILE B 97 2.02 -8.25 -5.40
C ILE B 97 0.77 -8.99 -5.83
N THR B 98 0.21 -9.76 -4.91
CA THR B 98 -1.09 -10.37 -5.13
C THR B 98 -1.88 -10.33 -3.84
N PHE B 99 -3.19 -10.21 -3.97
CA PHE B 99 -4.13 -10.33 -2.88
C PHE B 99 -4.80 -11.69 -2.94
N GLY B 100 -5.52 -12.02 -1.87
CA GLY B 100 -6.22 -13.27 -1.86
C GLY B 100 -7.39 -13.20 -2.84
N GLN B 101 -8.50 -13.82 -2.48
CA GLN B 101 -9.74 -13.60 -3.21
C GLN B 101 -10.89 -13.41 -2.24
N GLY B 102 -10.60 -13.00 -1.01
CA GLY B 102 -11.63 -12.57 -0.11
C GLY B 102 -12.45 -13.73 0.39
N THR B 103 -12.92 -13.64 1.62
CA THR B 103 -13.76 -14.68 2.22
C THR B 103 -14.86 -13.96 3.01
N LYS B 104 -15.99 -13.72 2.34
CA LYS B 104 -17.04 -12.94 2.96
C LYS B 104 -17.49 -13.61 4.25
N VAL B 105 -17.63 -12.81 5.29
CA VAL B 105 -18.09 -13.30 6.57
C VAL B 105 -19.54 -12.88 6.71
N GLU B 106 -20.45 -13.79 6.42
CA GLU B 106 -21.86 -13.47 6.33
C GLU B 106 -22.41 -13.40 7.75
N ILE B 107 -23.73 -13.31 7.90
CA ILE B 107 -24.39 -13.50 9.18
C ILE B 107 -25.26 -14.74 9.08
N LYS B 108 -25.57 -15.33 10.23
CA LYS B 108 -26.26 -16.60 10.32
C LYS B 108 -27.64 -16.41 10.93
N ARG B 109 -28.63 -17.10 10.37
CA ARG B 109 -29.99 -17.09 10.91
C ARG B 109 -30.67 -18.40 10.58
N THR B 110 -31.87 -18.58 11.14
CA THR B 110 -32.66 -19.77 10.88
C THR B 110 -32.95 -19.89 9.39
N VAL B 111 -32.68 -21.06 8.83
CA VAL B 111 -32.88 -21.27 7.40
C VAL B 111 -34.30 -20.86 7.02
N ALA B 112 -34.41 -19.88 6.15
CA ALA B 112 -35.70 -19.31 5.78
C ALA B 112 -35.94 -19.50 4.29
N ALA B 113 -37.19 -19.67 3.95
CA ALA B 113 -37.62 -19.83 2.57
C ALA B 113 -37.85 -18.48 1.92
N PRO B 114 -37.80 -18.40 0.61
CA PRO B 114 -38.02 -17.13 -0.06
C PRO B 114 -39.49 -16.78 -0.17
N SER B 115 -39.92 -15.69 0.47
CA SER B 115 -41.25 -15.17 0.17
C SER B 115 -41.23 -14.78 -1.29
N VAL B 116 -41.85 -15.59 -2.15
CA VAL B 116 -41.67 -15.47 -3.59
C VAL B 116 -42.86 -14.70 -4.15
N PHE B 117 -42.57 -13.79 -5.07
CA PHE B 117 -43.57 -13.15 -5.90
C PHE B 117 -43.10 -13.20 -7.35
N ILE B 118 -44.06 -13.06 -8.25
CA ILE B 118 -43.76 -13.02 -9.68
C ILE B 118 -44.48 -11.82 -10.28
N PHE B 119 -43.80 -11.11 -11.18
CA PHE B 119 -44.36 -9.91 -11.78
C PHE B 119 -44.12 -9.90 -13.27
N PRO B 120 -45.17 -9.67 -14.08
CA PRO B 120 -44.98 -9.63 -15.52
C PRO B 120 -44.73 -8.21 -16.00
N PRO B 121 -44.34 -8.03 -17.26
CA PRO B 121 -44.14 -6.67 -17.77
C PRO B 121 -45.43 -5.88 -17.69
N SER B 122 -45.30 -4.61 -17.34
CA SER B 122 -46.47 -3.74 -17.29
C SER B 122 -46.79 -3.22 -18.68
N ASP B 123 -48.00 -2.68 -18.84
CA ASP B 123 -48.41 -2.15 -20.13
C ASP B 123 -47.46 -1.05 -20.59
N SER B 124 -47.08 -0.15 -19.68
CA SER B 124 -46.11 0.87 -20.03
C SER B 124 -44.88 0.25 -20.65
N GLN B 125 -44.37 -0.83 -20.03
CA GLN B 125 -43.17 -1.47 -20.54
C GLN B 125 -43.43 -2.12 -21.90
N LEU B 126 -44.51 -2.88 -22.01
CA LEU B 126 -44.80 -3.54 -23.27
C LEU B 126 -44.91 -2.54 -24.41
N LYS B 127 -45.41 -1.33 -24.12
CA LYS B 127 -45.40 -0.28 -25.14
C LYS B 127 -43.98 0.07 -25.55
N SER B 128 -43.07 0.16 -24.57
CA SER B 128 -41.68 0.44 -24.89
C SER B 128 -41.09 -0.65 -25.78
N GLY B 129 -41.34 -1.91 -25.41
CA GLY B 129 -40.98 -3.03 -26.27
C GLY B 129 -40.10 -4.07 -25.63
N THR B 130 -39.49 -3.75 -24.50
CA THR B 130 -38.62 -4.68 -23.77
C THR B 130 -39.33 -5.04 -22.48
N ALA B 131 -39.70 -6.32 -22.34
CA ALA B 131 -40.46 -6.79 -21.19
C ALA B 131 -39.51 -7.41 -20.18
N SER B 132 -39.59 -6.98 -18.93
CA SER B 132 -38.68 -7.40 -17.88
C SER B 132 -39.49 -8.09 -16.78
N VAL B 133 -39.70 -9.40 -16.93
CA VAL B 133 -40.38 -10.14 -15.87
C VAL B 133 -39.47 -10.20 -14.65
N VAL B 134 -40.05 -9.96 -13.48
CA VAL B 134 -39.29 -9.87 -12.24
C VAL B 134 -39.77 -10.97 -11.32
N CYS B 135 -38.90 -11.94 -11.05
CA CYS B 135 -39.16 -12.98 -10.08
C CYS B 135 -38.47 -12.59 -8.80
N LEU B 136 -39.24 -12.19 -7.79
CA LEU B 136 -38.71 -11.69 -6.54
C LEU B 136 -38.70 -12.82 -5.53
N LEU B 137 -37.57 -13.02 -4.87
CA LEU B 137 -37.38 -14.03 -3.85
C LEU B 137 -36.94 -13.25 -2.62
N ASN B 138 -37.88 -12.74 -1.84
CA ASN B 138 -37.52 -11.81 -0.78
C ASN B 138 -37.29 -12.56 0.53
N ASN B 139 -36.46 -11.97 1.39
CA ASN B 139 -36.29 -12.41 2.77
C ASN B 139 -35.80 -13.85 2.81
N PHE B 140 -34.88 -14.19 1.92
CA PHE B 140 -34.48 -15.58 1.73
C PHE B 140 -33.07 -15.78 2.26
N TYR B 141 -32.90 -16.82 3.06
CA TYR B 141 -31.64 -17.19 3.70
C TYR B 141 -31.43 -18.69 3.52
N PRO B 142 -30.19 -19.12 3.23
CA PRO B 142 -28.98 -18.33 2.95
C PRO B 142 -28.96 -17.84 1.52
N ARG B 143 -27.93 -17.11 1.11
CA ARG B 143 -27.90 -16.55 -0.23
C ARG B 143 -27.99 -17.64 -1.29
N GLU B 144 -27.66 -18.87 -0.95
CA GLU B 144 -27.69 -19.95 -1.93
C GLU B 144 -29.13 -20.22 -2.34
N ALA B 145 -29.48 -19.76 -3.55
CA ALA B 145 -30.72 -20.12 -4.20
C ALA B 145 -30.50 -20.03 -5.69
N LYS B 146 -31.31 -20.76 -6.44
CA LYS B 146 -31.25 -20.69 -7.90
C LYS B 146 -32.64 -20.52 -8.45
N VAL B 147 -32.74 -19.80 -9.57
CA VAL B 147 -34.01 -19.54 -10.24
C VAL B 147 -33.90 -20.01 -11.67
N GLN B 148 -34.87 -20.82 -12.09
CA GLN B 148 -34.95 -21.34 -13.45
C GLN B 148 -36.13 -20.72 -14.18
N TRP B 149 -35.96 -20.48 -15.47
CA TRP B 149 -36.94 -19.78 -16.29
C TRP B 149 -37.56 -20.73 -17.29
N LYS B 150 -38.89 -20.75 -17.35
CA LYS B 150 -39.66 -21.63 -18.20
C LYS B 150 -40.62 -20.80 -19.04
N VAL B 151 -40.71 -21.14 -20.32
CA VAL B 151 -41.52 -20.36 -21.25
C VAL B 151 -42.27 -21.27 -22.20
N ASN B 159 -29.85 -15.12 -20.01
CA ASN B 159 -30.72 -13.97 -20.20
C ASN B 159 -31.41 -13.58 -18.90
N SER B 160 -30.99 -14.20 -17.81
CA SER B 160 -31.50 -13.90 -16.48
C SER B 160 -30.42 -13.16 -15.70
N GLN B 161 -30.76 -11.97 -15.21
CA GLN B 161 -29.80 -11.11 -14.52
C GLN B 161 -30.23 -11.05 -13.05
N GLU B 162 -29.84 -12.06 -12.30
CA GLU B 162 -30.04 -12.02 -10.86
C GLU B 162 -29.36 -10.79 -10.30
N SER B 163 -30.07 -10.07 -9.43
CA SER B 163 -29.52 -8.89 -8.76
C SER B 163 -29.70 -9.14 -7.27
N VAL B 164 -28.74 -9.86 -6.70
CA VAL B 164 -28.88 -10.33 -5.32
C VAL B 164 -28.53 -9.20 -4.38
N THR B 165 -29.53 -8.70 -3.66
CA THR B 165 -29.26 -7.65 -2.70
C THR B 165 -28.33 -8.18 -1.63
N GLU B 166 -27.93 -7.28 -0.73
CA GLU B 166 -27.04 -7.64 0.36
C GLU B 166 -27.85 -7.92 1.62
N GLN B 167 -27.17 -8.44 2.64
CA GLN B 167 -27.84 -8.83 3.87
C GLN B 167 -28.63 -7.67 4.45
N ASP B 168 -29.88 -7.94 4.84
CA ASP B 168 -30.72 -6.90 5.41
C ASP B 168 -30.25 -6.55 6.82
N SER B 169 -30.57 -5.33 7.23
CA SER B 169 -30.26 -4.90 8.60
C SER B 169 -31.33 -5.30 9.59
N LYS B 170 -32.54 -5.64 9.14
CA LYS B 170 -33.59 -6.01 10.08
C LYS B 170 -33.35 -7.42 10.62
N ASP B 171 -33.46 -8.43 9.75
CA ASP B 171 -33.02 -9.80 10.07
C ASP B 171 -32.23 -10.36 8.88
N SER B 172 -30.96 -9.98 8.79
CA SER B 172 -29.94 -10.76 8.09
C SER B 172 -30.49 -11.47 6.85
N THR B 173 -31.32 -10.79 6.07
CA THR B 173 -32.06 -11.45 4.99
C THR B 173 -31.55 -11.01 3.63
N TYR B 174 -31.57 -11.93 2.69
CA TYR B 174 -31.27 -11.65 1.30
C TYR B 174 -32.58 -11.50 0.52
N SER B 175 -32.56 -10.60 -0.46
CA SER B 175 -33.67 -10.46 -1.39
C SER B 175 -33.08 -10.53 -2.79
N LEU B 176 -33.60 -11.44 -3.61
CA LEU B 176 -33.11 -11.59 -4.97
C LEU B 176 -34.18 -11.14 -5.96
N SER B 177 -33.73 -10.47 -7.02
CA SER B 177 -34.64 -9.97 -8.04
C SER B 177 -34.17 -10.52 -9.37
N SER B 178 -34.63 -11.71 -9.73
CA SER B 178 -34.24 -12.31 -10.99
C SER B 178 -35.02 -11.61 -12.10
N THR B 179 -34.33 -10.78 -12.87
CA THR B 179 -34.93 -10.04 -13.96
C THR B 179 -34.65 -10.76 -15.26
N LEU B 180 -35.70 -11.11 -15.99
CA LEU B 180 -35.57 -11.67 -17.32
C LEU B 180 -36.13 -10.67 -18.32
N THR B 181 -35.25 -10.12 -19.14
CA THR B 181 -35.60 -9.12 -20.14
C THR B 181 -35.67 -9.77 -21.51
N LEU B 182 -36.73 -9.47 -22.24
CA LEU B 182 -36.97 -10.09 -23.53
C LEU B 182 -37.52 -9.04 -24.49
N SER B 183 -37.26 -9.26 -25.77
CA SER B 183 -37.80 -8.41 -26.81
C SER B 183 -39.29 -8.66 -26.96
N LYS B 184 -39.98 -7.65 -27.50
CA LYS B 184 -41.44 -7.73 -27.60
C LYS B 184 -41.86 -8.95 -28.41
N ALA B 185 -41.23 -9.17 -29.57
CA ALA B 185 -41.63 -10.27 -30.44
C ALA B 185 -41.41 -11.62 -29.77
N ASP B 186 -40.19 -11.86 -29.27
CA ASP B 186 -39.90 -13.14 -28.63
C ASP B 186 -40.73 -13.30 -27.36
N TYR B 187 -40.96 -12.22 -26.63
CA TYR B 187 -41.83 -12.31 -25.46
C TYR B 187 -43.23 -12.77 -25.86
N GLU B 188 -43.78 -12.19 -26.93
CA GLU B 188 -45.12 -12.58 -27.36
C GLU B 188 -45.17 -14.00 -27.89
N LYS B 189 -44.07 -14.47 -28.50
CA LYS B 189 -44.09 -15.81 -29.08
C LYS B 189 -44.52 -16.85 -28.04
N HIS B 190 -44.00 -16.75 -26.83
CA HIS B 190 -44.43 -17.61 -25.75
C HIS B 190 -45.66 -17.02 -25.07
N LYS B 191 -46.36 -17.86 -24.33
CA LYS B 191 -47.56 -17.45 -23.61
C LYS B 191 -47.43 -17.64 -22.11
N VAL B 192 -46.96 -18.80 -21.67
CA VAL B 192 -46.86 -19.12 -20.24
C VAL B 192 -45.42 -18.89 -19.79
N TYR B 193 -45.26 -18.01 -18.81
CA TYR B 193 -43.96 -17.71 -18.22
C TYR B 193 -43.93 -18.20 -16.79
N ALA B 194 -42.75 -18.65 -16.36
CA ALA B 194 -42.64 -19.19 -15.01
C ALA B 194 -41.20 -19.09 -14.53
N CYS B 195 -41.05 -18.89 -13.22
CA CYS B 195 -39.77 -19.00 -12.54
C CYS B 195 -39.90 -20.03 -11.43
N GLU B 196 -38.89 -20.89 -11.32
CA GLU B 196 -38.85 -21.95 -10.32
C GLU B 196 -37.69 -21.67 -9.37
N VAL B 197 -37.96 -21.76 -8.08
CA VAL B 197 -37.05 -21.39 -7.01
C VAL B 197 -36.56 -22.67 -6.36
N THR B 198 -35.23 -22.85 -6.31
CA THR B 198 -34.61 -23.95 -5.60
C THR B 198 -33.77 -23.36 -4.46
N HIS B 199 -34.12 -23.73 -3.23
CA HIS B 199 -33.55 -23.15 -2.03
C HIS B 199 -33.33 -24.23 -0.99
N GLN B 200 -32.22 -24.13 -0.24
CA GLN B 200 -31.94 -25.13 0.79
C GLN B 200 -32.94 -25.04 1.94
N GLY B 201 -33.62 -23.90 2.08
CA GLY B 201 -34.69 -23.77 3.05
C GLY B 201 -36.06 -24.19 2.57
N LEU B 202 -36.16 -24.70 1.34
CA LEU B 202 -37.41 -25.19 0.79
C LEU B 202 -37.32 -26.69 0.58
N SER B 203 -38.39 -27.40 0.94
CA SER B 203 -38.41 -28.85 0.75
C SER B 203 -38.28 -29.22 -0.72
N SER B 204 -39.03 -28.54 -1.58
CA SER B 204 -39.04 -28.78 -3.01
C SER B 204 -39.12 -27.46 -3.74
N PRO B 205 -38.80 -27.43 -5.04
CA PRO B 205 -38.83 -26.16 -5.78
C PRO B 205 -40.21 -25.52 -5.74
N VAL B 206 -40.23 -24.20 -5.66
CA VAL B 206 -41.47 -23.42 -5.67
C VAL B 206 -41.57 -22.72 -7.01
N THR B 207 -42.60 -23.01 -7.78
CA THR B 207 -42.73 -22.48 -9.13
C THR B 207 -43.90 -21.50 -9.18
N LYS B 208 -43.61 -20.27 -9.62
CA LYS B 208 -44.63 -19.25 -9.85
C LYS B 208 -44.67 -18.98 -11.35
N SER B 209 -45.83 -18.53 -11.82
CA SER B 209 -46.02 -18.37 -13.26
C SER B 209 -47.15 -17.40 -13.54
N PHE B 210 -47.24 -17.02 -14.82
CA PHE B 210 -48.36 -16.26 -15.33
C PHE B 210 -48.52 -16.61 -16.81
N ASN B 211 -49.57 -16.06 -17.41
CA ASN B 211 -49.84 -16.25 -18.84
C ASN B 211 -49.88 -14.90 -19.53
N ARG B 212 -49.30 -14.86 -20.72
CA ARG B 212 -49.19 -13.62 -21.50
C ARG B 212 -50.51 -12.88 -21.56
N LYS C 339 24.50 -19.75 4.55
CA LYS C 339 24.44 -18.30 4.69
C LYS C 339 23.57 -17.89 5.88
N TPO C 340 23.43 -16.58 6.08
CA TPO C 340 22.77 -16.04 7.27
CB TPO C 340 22.94 -14.54 7.34
CG2 TPO C 340 22.20 -14.00 8.56
OG1 TPO C 340 24.33 -14.21 7.42
P TPO C 340 24.74 -13.66 5.97
O1P TPO C 340 26.34 -13.62 5.80
O2P TPO C 340 24.19 -12.30 5.83
O3P TPO C 340 24.17 -14.66 4.85
C TPO C 340 21.29 -16.38 7.30
O TPO C 340 20.47 -15.67 6.73
H TPO C 340 23.72 -15.98 5.53
HA TPO C 340 23.18 -16.44 8.07
HB TPO C 340 22.51 -14.11 6.43
HG21 TPO C 340 22.58 -12.99 8.77
HG22 TPO C 340 22.41 -14.64 9.41
HG23 TPO C 340 21.13 -13.96 8.39
N GLY C 341 20.95 -17.46 8.00
CA GLY C 341 19.56 -17.79 8.23
C GLY C 341 18.94 -16.82 9.21
N LEU C 342 17.84 -17.23 9.84
CA LEU C 342 17.16 -16.37 10.79
C LEU C 342 16.12 -17.13 11.61
N TPO C 343 16.48 -17.54 12.82
CA TPO C 343 15.56 -18.19 13.74
CB TPO C 343 16.29 -19.21 14.58
CG2 TPO C 343 17.23 -18.49 15.56
OG1 TPO C 343 15.33 -19.94 15.34
P TPO C 343 15.87 -21.45 15.46
O1P TPO C 343 17.33 -21.44 15.76
O2P TPO C 343 15.10 -22.21 16.65
O3P TPO C 343 15.61 -22.22 14.07
C TPO C 343 14.87 -17.17 14.62
O TPO C 343 15.47 -16.16 15.01
HA TPO C 343 14.88 -18.67 13.22
HB TPO C 343 16.86 -19.89 13.95
HG21 TPO C 343 18.04 -19.16 15.84
HG22 TPO C 343 16.67 -18.21 16.46
HG23 TPO C 343 17.63 -17.60 15.10
N LYS C 344 13.61 -17.43 14.95
CA LYS C 344 12.86 -16.58 15.86
C LYS C 344 13.41 -16.77 17.28
N LEU C 345 12.63 -16.38 18.28
CA LEU C 345 13.07 -16.48 19.67
C LEU C 345 11.90 -16.25 20.60
N THR D 7 13.34 -11.69 20.68
CA THR D 7 12.54 -11.41 19.50
C THR D 7 13.23 -11.95 18.25
N ARG D 8 14.23 -11.22 17.76
CA ARG D 8 14.93 -11.58 16.54
C ARG D 8 16.43 -11.43 16.76
N VAL D 9 17.20 -12.28 16.09
CA VAL D 9 18.66 -12.25 16.19
C VAL D 9 19.27 -12.83 14.92
N PHE D 10 20.44 -12.32 14.54
CA PHE D 10 21.14 -12.76 13.33
C PHE D 10 22.10 -13.88 13.66
N LYS D 11 21.95 -15.00 12.95
CA LYS D 11 22.77 -16.18 13.15
C LYS D 11 23.70 -16.37 11.96
N LYS D 12 24.94 -16.76 12.23
CA LYS D 12 25.81 -17.15 11.12
C LYS D 12 26.84 -18.16 11.58
N SER D 13 27.01 -19.22 10.78
CA SER D 13 27.93 -20.30 11.08
C SER D 13 28.73 -20.64 9.83
N SER D 14 29.85 -21.31 10.02
CA SER D 14 30.74 -21.69 8.93
C SER D 14 30.13 -22.85 8.14
N PRO D 15 30.64 -23.12 6.95
CA PRO D 15 30.15 -24.30 6.21
C PRO D 15 30.30 -25.58 7.00
N ASN D 16 31.34 -25.69 7.83
CA ASN D 16 31.42 -26.78 8.78
C ASN D 16 30.35 -26.65 9.87
N CYS D 17 29.95 -25.41 10.18
CA CYS D 17 28.91 -25.07 11.15
C CYS D 17 29.32 -25.37 12.58
N LYS D 18 30.57 -25.79 12.82
CA LYS D 18 31.00 -26.04 14.19
C LYS D 18 31.01 -24.75 15.00
N LEU D 19 31.04 -23.61 14.34
CA LEU D 19 31.08 -22.31 14.99
C LEU D 19 29.89 -21.47 14.54
N THR D 20 29.21 -20.85 15.50
CA THR D 20 28.08 -19.98 15.19
C THR D 20 28.19 -18.69 15.99
N VAL D 21 27.69 -17.60 15.43
CA VAL D 21 27.65 -16.30 16.08
C VAL D 21 26.22 -15.80 16.02
N TYR D 22 25.68 -15.43 17.18
CA TYR D 22 24.36 -14.83 17.30
C TYR D 22 24.53 -13.38 17.71
N LEU D 23 23.90 -12.46 16.97
CA LEU D 23 24.06 -11.03 17.17
C LEU D 23 22.71 -10.34 17.13
N GLY D 24 22.44 -9.51 18.14
CA GLY D 24 21.15 -8.82 18.19
C GLY D 24 20.94 -7.85 17.05
N LYS D 25 21.95 -7.04 16.75
CA LYS D 25 21.84 -5.98 15.76
C LYS D 25 22.82 -6.22 14.62
N ARG D 26 22.57 -5.53 13.52
CA ARG D 26 23.60 -5.37 12.49
C ARG D 26 23.66 -3.91 12.02
N ASP D 27 23.22 -2.97 12.87
CA ASP D 27 23.50 -1.56 12.68
C ASP D 27 23.64 -0.95 14.08
N PHE D 28 24.77 -0.29 14.33
CA PHE D 28 25.12 0.19 15.66
C PHE D 28 25.03 1.71 15.70
N VAL D 29 24.22 2.23 16.63
CA VAL D 29 23.91 3.66 16.67
C VAL D 29 24.99 4.39 17.47
N ASP D 30 25.69 5.29 16.81
CA ASP D 30 26.70 6.11 17.47
C ASP D 30 26.03 7.35 18.02
N HIS D 31 25.66 7.30 19.30
CA HIS D 31 25.14 8.47 19.98
C HIS D 31 26.19 9.55 20.18
N LEU D 32 27.41 9.34 19.70
CA LEU D 32 28.55 10.25 19.75
C LEU D 32 29.18 10.30 21.14
N ASP D 33 28.55 9.69 22.15
CA ASP D 33 29.15 9.55 23.47
C ASP D 33 29.20 8.11 23.94
N LYS D 34 28.38 7.24 23.38
CA LYS D 34 28.40 5.81 23.73
C LYS D 34 27.82 5.04 22.54
N VAL D 35 28.68 4.35 21.81
CA VAL D 35 28.25 3.56 20.66
C VAL D 35 27.59 2.29 21.18
N ASP D 36 26.57 1.81 20.47
CA ASP D 36 25.98 0.53 20.79
C ASP D 36 27.08 -0.53 20.82
N PRO D 37 27.43 -1.06 21.99
CA PRO D 37 28.54 -2.01 22.05
C PRO D 37 28.22 -3.30 21.32
N VAL D 38 29.22 -3.83 20.61
CA VAL D 38 29.04 -5.03 19.80
C VAL D 38 29.09 -6.25 20.71
N ASP D 39 27.93 -6.71 21.17
CA ASP D 39 27.85 -7.88 22.03
C ASP D 39 27.19 -9.01 21.25
N GLY D 40 27.88 -10.14 21.18
CA GLY D 40 27.35 -11.32 20.51
C GLY D 40 27.70 -12.59 21.23
N VAL D 41 27.24 -13.73 20.73
CA VAL D 41 27.44 -15.00 21.41
C VAL D 41 27.99 -16.03 20.44
N VAL D 42 29.03 -16.73 20.88
CA VAL D 42 29.71 -17.75 20.08
C VAL D 42 29.28 -19.11 20.59
N LEU D 43 28.74 -19.93 19.70
CA LEU D 43 28.32 -21.29 20.02
C LEU D 43 29.29 -22.25 19.32
N VAL D 44 29.90 -23.13 20.10
CA VAL D 44 30.94 -24.02 19.61
C VAL D 44 30.69 -25.43 20.10
N ASP D 45 31.35 -26.40 19.44
CA ASP D 45 31.36 -27.81 19.82
C ASP D 45 32.71 -28.17 20.40
N PRO D 46 32.77 -28.79 21.58
CA PRO D 46 34.08 -29.00 22.22
C PRO D 46 35.03 -29.83 21.38
N ASP D 47 34.50 -30.79 20.62
CA ASP D 47 35.35 -31.69 19.84
C ASP D 47 36.12 -30.96 18.75
N TYR D 48 35.48 -30.04 18.03
CA TYR D 48 36.13 -29.37 16.91
C TYR D 48 37.17 -28.33 17.35
N LEU D 49 37.14 -27.93 18.62
CA LEU D 49 38.10 -26.96 19.14
C LEU D 49 39.19 -27.60 19.98
N LYS D 50 38.84 -28.57 20.83
CA LYS D 50 39.80 -29.23 21.70
C LYS D 50 40.82 -28.25 22.26
N ASP D 51 42.07 -28.30 21.77
CA ASP D 51 43.11 -27.43 22.30
C ASP D 51 42.96 -26.00 21.79
N ARG D 52 42.68 -25.83 20.50
CA ARG D 52 42.74 -24.50 19.89
C ARG D 52 41.72 -23.56 20.51
N LYS D 53 42.14 -22.32 20.73
CA LYS D 53 41.28 -21.29 21.28
C LYS D 53 40.34 -20.75 20.20
N VAL D 54 39.43 -19.88 20.60
CA VAL D 54 38.49 -19.25 19.69
C VAL D 54 38.46 -17.77 20.01
N PHE D 55 38.68 -16.93 19.00
CA PHE D 55 38.73 -15.49 19.18
C PHE D 55 37.76 -14.81 18.22
N VAL D 56 37.36 -13.60 18.59
CA VAL D 56 36.47 -12.78 17.78
C VAL D 56 37.07 -11.39 17.71
N THR D 57 36.99 -10.78 16.53
CA THR D 57 37.69 -9.54 16.21
C THR D 57 36.71 -8.53 15.65
N LEU D 58 37.01 -7.26 15.89
CA LEU D 58 36.22 -6.13 15.40
C LEU D 58 37.11 -5.29 14.49
N THR D 59 37.06 -5.56 13.20
CA THR D 59 37.81 -4.79 12.21
C THR D 59 37.12 -3.45 11.98
N CYS D 60 37.91 -2.40 11.79
CA CYS D 60 37.42 -1.07 11.44
C CYS D 60 38.04 -0.61 10.14
N ALA D 61 38.02 -1.50 9.15
CA ALA D 61 38.76 -1.31 7.92
C ALA D 61 38.48 0.04 7.30
N PHE D 62 39.44 0.53 6.53
CA PHE D 62 39.26 1.58 5.54
C PHE D 62 39.82 1.07 4.23
N ARG D 63 39.06 1.19 3.16
CA ARG D 63 39.45 0.66 1.87
C ARG D 63 39.48 1.78 0.84
N TYR D 64 39.86 1.39 -0.38
CA TYR D 64 39.72 2.23 -1.56
C TYR D 64 40.36 1.51 -2.74
N PHE D 76 44.50 -1.24 -1.47
CA PHE D 76 44.41 -0.49 -0.22
C PHE D 76 43.55 -1.21 0.79
N ARG D 77 44.15 -1.61 1.90
CA ARG D 77 43.41 -2.06 3.08
C ARG D 77 44.02 -1.31 4.25
N LYS D 78 43.55 -0.08 4.47
CA LYS D 78 44.09 0.78 5.51
C LYS D 78 43.33 0.51 6.79
N ASP D 79 43.56 -0.67 7.35
CA ASP D 79 42.73 -1.16 8.44
C ASP D 79 43.00 -0.31 9.67
N LEU D 80 42.17 0.71 9.86
CA LEU D 80 42.44 1.75 10.85
C LEU D 80 42.34 1.25 12.28
N PHE D 81 41.83 0.04 12.51
CA PHE D 81 41.72 -0.44 13.88
C PHE D 81 41.33 -1.90 13.88
N ILE D 82 41.86 -2.64 14.84
CA ILE D 82 41.51 -4.04 15.06
C ILE D 82 41.64 -4.33 16.55
N ALA D 83 40.74 -5.15 17.08
CA ALA D 83 40.77 -5.57 18.48
C ALA D 83 40.31 -7.01 18.55
N ASN D 84 40.90 -7.79 19.46
CA ASN D 84 40.64 -9.21 19.58
C ASN D 84 39.96 -9.53 20.91
N TYR D 85 39.01 -10.46 20.89
CA TYR D 85 38.40 -11.00 22.09
C TYR D 85 38.42 -12.51 22.02
N GLN D 86 38.90 -13.16 23.09
CA GLN D 86 38.98 -14.61 23.16
C GLN D 86 37.60 -15.16 23.47
N ALA D 87 36.92 -15.70 22.46
CA ALA D 87 35.69 -16.42 22.73
C ALA D 87 35.93 -17.47 23.79
N PHE D 88 36.99 -18.24 23.64
CA PHE D 88 37.47 -19.22 24.60
C PHE D 88 39.00 -19.22 24.55
N PRO D 89 39.69 -19.15 25.70
CA PRO D 89 39.19 -19.20 27.07
C PRO D 89 38.50 -17.93 27.52
N PRO D 90 37.60 -18.01 28.50
CA PRO D 90 37.01 -16.79 29.06
C PRO D 90 38.08 -15.84 29.59
N THR D 91 37.87 -14.55 29.34
CA THR D 91 38.81 -13.52 29.73
C THR D 91 38.08 -12.20 30.01
N THR D 99 25.77 -9.84 29.98
CA THR D 99 24.65 -8.98 29.64
C THR D 99 23.37 -9.79 29.52
N ARG D 100 22.22 -9.12 29.59
CA ARG D 100 20.94 -9.82 29.56
C ARG D 100 20.68 -10.45 28.20
N LEU D 101 20.98 -9.74 27.10
CA LEU D 101 20.82 -10.34 25.79
C LEU D 101 21.74 -11.54 25.63
N GLN D 102 22.99 -11.42 26.06
CA GLN D 102 23.89 -12.56 26.05
C GLN D 102 23.38 -13.67 26.96
N GLU D 103 22.83 -13.30 28.11
CA GLU D 103 22.27 -14.30 29.01
C GLU D 103 21.20 -15.12 28.31
N ARG D 104 20.23 -14.45 27.70
CA ARG D 104 19.14 -15.16 27.04
C ARG D 104 19.67 -16.00 25.88
N LEU D 105 20.65 -15.48 25.14
CA LEU D 105 21.26 -16.28 24.08
C LEU D 105 21.89 -17.55 24.64
N LEU D 106 22.56 -17.44 25.79
CA LEU D 106 23.21 -18.60 26.39
C LEU D 106 22.18 -19.63 26.86
N ARG D 107 21.07 -19.16 27.43
CA ARG D 107 20.11 -20.09 28.03
C ARG D 107 19.59 -21.10 27.00
N LYS D 108 19.65 -20.77 25.71
CA LYS D 108 19.19 -21.66 24.67
C LYS D 108 20.29 -22.53 24.08
N LEU D 109 21.53 -22.38 24.56
CA LEU D 109 22.67 -23.04 23.93
C LEU D 109 23.50 -23.84 24.93
N GLY D 110 23.63 -23.33 26.15
CA GLY D 110 24.35 -24.04 27.19
C GLY D 110 25.72 -23.46 27.49
N GLN D 111 26.59 -24.27 28.10
CA GLN D 111 27.92 -23.79 28.48
C GLN D 111 28.74 -23.41 27.25
N HIS D 112 28.66 -24.22 26.20
CA HIS D 112 29.54 -23.99 25.07
C HIS D 112 29.18 -22.75 24.26
N ALA D 113 28.22 -21.97 24.74
CA ALA D 113 27.98 -20.63 24.21
C ALA D 113 28.68 -19.64 25.14
N HIS D 114 29.50 -18.76 24.56
CA HIS D 114 30.26 -17.79 25.31
C HIS D 114 30.11 -16.40 24.70
N PRO D 115 29.97 -15.36 25.50
CA PRO D 115 29.77 -14.03 24.94
C PRO D 115 31.07 -13.33 24.59
N PHE D 116 30.99 -12.49 23.56
CA PHE D 116 32.02 -11.49 23.28
C PHE D 116 31.38 -10.12 23.31
N PHE D 117 32.17 -9.12 23.68
CA PHE D 117 31.65 -7.77 23.90
C PHE D 117 32.76 -6.77 23.54
N PHE D 118 32.69 -6.23 22.33
CA PHE D 118 33.55 -5.13 21.92
C PHE D 118 32.84 -3.81 22.25
N THR D 119 33.64 -2.78 22.50
CA THR D 119 33.16 -1.41 22.60
C THR D 119 33.77 -0.62 21.45
N ILE D 120 32.92 0.01 20.65
CA ILE D 120 33.39 0.78 19.51
C ILE D 120 33.94 2.12 20.01
N PRO D 121 35.19 2.46 19.74
CA PRO D 121 35.64 3.85 19.96
C PRO D 121 34.90 4.79 19.02
N GLN D 122 34.48 5.94 19.56
CA GLN D 122 33.70 6.88 18.77
C GLN D 122 34.52 7.42 17.60
N ASN D 123 35.80 7.73 17.83
CA ASN D 123 36.61 8.38 16.81
C ASN D 123 36.97 7.38 15.71
N LEU D 124 35.95 6.95 15.01
CA LEU D 124 36.09 6.06 13.87
C LEU D 124 35.30 6.62 12.70
N PRO D 125 35.69 6.32 11.47
CA PRO D 125 34.89 6.76 10.32
C PRO D 125 33.56 6.04 10.30
N CYS D 126 32.50 6.76 10.65
CA CYS D 126 31.18 6.14 10.75
C CYS D 126 30.86 5.44 9.43
N SER D 127 30.14 4.34 9.52
CA SER D 127 30.00 3.43 8.39
C SER D 127 29.54 4.19 7.16
N VAL D 128 30.38 4.19 6.13
CA VAL D 128 30.05 4.84 4.87
C VAL D 128 30.84 4.12 3.79
N THR D 129 30.35 4.19 2.56
CA THR D 129 31.10 3.65 1.44
C THR D 129 30.84 4.54 0.25
N LEU D 130 31.31 4.11 -0.91
CA LEU D 130 31.16 4.84 -2.15
C LEU D 130 30.42 3.98 -3.15
N GLN D 131 29.56 4.62 -3.93
CA GLN D 131 28.75 3.88 -4.89
C GLN D 131 29.60 3.52 -6.11
N PRO D 132 29.71 2.22 -6.46
CA PRO D 132 30.51 1.86 -7.63
C PRO D 132 29.90 2.36 -8.93
N ALA D 140 33.31 -2.09 -2.99
CA ALA D 140 34.70 -2.37 -2.64
C ALA D 140 35.25 -1.24 -1.81
N CYS D 141 35.37 -0.06 -2.42
CA CYS D 141 35.89 1.10 -1.72
C CYS D 141 34.98 1.46 -0.56
N GLY D 142 35.51 2.21 0.40
CA GLY D 142 34.67 2.75 1.46
C GLY D 142 35.21 2.54 2.86
N VAL D 143 34.30 2.26 3.79
CA VAL D 143 34.64 2.05 5.19
C VAL D 143 33.62 1.09 5.76
N ASP D 144 34.09 0.14 6.58
CA ASP D 144 33.16 -0.82 7.13
C ASP D 144 33.79 -1.56 8.30
N PHE D 145 33.05 -1.65 9.39
CA PHE D 145 33.41 -2.51 10.49
C PHE D 145 33.31 -3.97 10.03
N GLU D 146 33.63 -4.90 10.93
CA GLU D 146 33.40 -6.30 10.63
C GLU D 146 33.64 -7.14 11.88
N ILE D 147 32.80 -8.16 12.07
CA ILE D 147 32.92 -9.10 13.19
C ILE D 147 33.46 -10.39 12.61
N ARG D 148 34.68 -10.75 12.98
CA ARG D 148 35.35 -11.93 12.47
C ARG D 148 35.56 -12.92 13.60
N ALA D 149 34.86 -14.05 13.55
CA ALA D 149 34.97 -15.10 14.56
C ALA D 149 35.75 -16.26 13.95
N PHE D 150 36.77 -16.74 14.67
CA PHE D 150 37.61 -17.80 14.14
C PHE D 150 38.20 -18.63 15.27
N CYS D 151 38.42 -19.91 14.97
CA CYS D 151 39.01 -20.86 15.91
C CYS D 151 40.42 -21.19 15.45
N ALA D 152 41.38 -20.92 16.33
CA ALA D 152 42.78 -21.25 16.07
C ALA D 152 43.50 -21.32 17.41
N LYS D 153 44.64 -22.01 17.41
CA LYS D 153 45.43 -22.11 18.64
C LYS D 153 45.99 -20.75 19.04
N SER D 154 46.46 -19.97 18.07
CA SER D 154 47.08 -18.67 18.33
C SER D 154 46.57 -17.65 17.34
N LEU D 155 46.61 -16.39 17.75
CA LEU D 155 46.14 -15.27 16.92
C LEU D 155 46.81 -15.30 15.55
N SER D 164 35.97 -19.17 9.32
CA SER D 164 35.62 -18.07 10.20
C SER D 164 34.34 -17.39 9.74
N VAL D 165 33.53 -16.95 10.71
CA VAL D 165 32.28 -16.25 10.43
C VAL D 165 32.62 -14.78 10.23
N ARG D 166 32.10 -14.20 9.15
CA ARG D 166 32.39 -12.83 8.75
C ARG D 166 31.07 -12.05 8.69
N LEU D 167 30.75 -11.37 9.77
CA LEU D 167 29.49 -10.66 9.93
C LEU D 167 29.75 -9.17 9.68
N VAL D 168 29.25 -8.66 8.56
CA VAL D 168 29.42 -7.25 8.22
C VAL D 168 28.44 -6.46 9.05
N ILE D 169 28.94 -5.49 9.81
CA ILE D 169 28.08 -4.64 10.64
C ILE D 169 28.23 -3.21 10.16
N ARG D 170 27.58 -2.27 10.84
CA ARG D 170 27.81 -0.88 10.56
C ARG D 170 27.65 -0.06 11.83
N LYS D 171 28.37 1.06 11.86
CA LYS D 171 28.12 2.15 12.80
C LYS D 171 27.26 3.18 12.08
N VAL D 172 26.29 3.74 12.78
CA VAL D 172 25.32 4.63 12.18
C VAL D 172 25.03 5.78 13.13
N GLN D 173 24.63 6.91 12.53
CA GLN D 173 24.30 8.11 13.29
C GLN D 173 22.95 8.63 12.83
N PHE D 174 22.14 9.06 13.80
CA PHE D 174 20.83 9.62 13.56
C PHE D 174 20.90 11.14 13.54
N ALA D 175 20.02 11.75 12.76
CA ALA D 175 19.97 13.20 12.70
C ALA D 175 19.65 13.76 14.07
N PRO D 176 20.45 14.69 14.62
CA PRO D 176 20.13 15.23 15.94
C PRO D 176 18.72 15.79 16.04
N GLN D 182 19.59 27.91 11.47
CA GLN D 182 19.02 28.46 10.25
C GLN D 182 20.08 29.23 9.45
N PRO D 183 20.77 28.54 8.54
CA PRO D 183 21.78 29.23 7.73
C PRO D 183 21.18 30.38 6.94
N SER D 184 21.96 31.46 6.82
CA SER D 184 21.56 32.63 6.06
C SER D 184 22.80 33.20 5.38
N ALA D 185 22.64 33.66 4.15
CA ALA D 185 23.75 34.21 3.38
C ALA D 185 23.31 35.50 2.69
N GLU D 186 24.18 36.51 2.74
CA GLU D 186 23.99 37.76 2.01
C GLU D 186 25.26 38.09 1.26
N THR D 187 25.13 38.50 0.01
CA THR D 187 26.26 38.85 -0.84
C THR D 187 25.95 40.14 -1.58
N THR D 188 26.91 41.06 -1.60
CA THR D 188 26.75 42.33 -2.32
C THR D 188 27.85 42.43 -3.37
N ARG D 189 27.57 41.91 -4.56
CA ARG D 189 28.49 41.95 -5.69
C ARG D 189 28.87 43.38 -6.03
N SER D 197 25.15 47.43 -7.93
CA SER D 197 25.21 46.40 -6.89
C SER D 197 24.15 45.33 -7.12
N LEU D 198 24.59 44.07 -7.10
CA LEU D 198 23.74 42.92 -7.38
C LEU D 198 23.65 42.09 -6.10
N HIS D 199 22.72 42.47 -5.23
CA HIS D 199 22.59 41.85 -3.91
C HIS D 199 21.84 40.53 -4.03
N LEU D 200 22.41 39.47 -3.45
CA LEU D 200 21.81 38.15 -3.46
C LEU D 200 21.74 37.63 -2.03
N GLU D 201 20.54 37.29 -1.58
CA GLU D 201 20.34 36.75 -0.23
C GLU D 201 19.65 35.41 -0.32
N ALA D 202 20.16 34.44 0.42
CA ALA D 202 19.60 33.09 0.43
C ALA D 202 19.38 32.66 1.87
N SER D 203 18.28 31.94 2.11
CA SER D 203 18.00 31.41 3.43
C SER D 203 17.34 30.03 3.32
N LEU D 204 17.46 29.24 4.37
CA LEU D 204 16.85 27.92 4.47
C LEU D 204 15.99 27.84 5.72
N ASP D 205 14.92 27.04 5.65
CA ASP D 205 13.99 26.98 6.77
C ASP D 205 14.68 26.47 8.02
N LYS D 206 15.50 25.44 7.90
CA LYS D 206 16.18 24.83 9.02
C LYS D 206 17.42 24.11 8.51
N GLU D 207 18.30 23.75 9.44
CA GLU D 207 19.58 23.13 9.07
C GLU D 207 19.53 21.61 9.04
N LEU D 208 18.40 21.02 9.43
CA LEU D 208 18.23 19.56 9.45
C LEU D 208 17.14 19.17 8.46
N TYR D 209 17.54 18.56 7.35
CA TYR D 209 16.60 18.12 6.33
C TYR D 209 16.75 16.62 6.12
N TYR D 210 15.74 15.86 6.55
CA TYR D 210 15.80 14.41 6.47
C TYR D 210 16.03 13.96 5.04
N HIS D 211 16.56 12.74 4.89
CA HIS D 211 16.82 12.23 3.56
C HIS D 211 15.52 12.17 2.79
N GLY D 212 15.56 12.66 1.55
CA GLY D 212 14.38 12.79 0.72
C GLY D 212 13.61 14.07 0.96
N GLU D 213 13.49 14.47 2.22
CA GLU D 213 12.68 15.62 2.57
C GLU D 213 13.08 16.82 1.72
N PRO D 214 12.13 17.57 1.16
CA PRO D 214 12.50 18.61 0.21
C PRO D 214 13.02 19.84 0.91
N LEU D 215 13.97 20.49 0.25
CA LEU D 215 14.65 21.66 0.80
C LEU D 215 14.12 22.91 0.11
N ASN D 216 13.58 23.84 0.91
CA ASN D 216 13.03 25.09 0.41
C ASN D 216 14.02 26.22 0.66
N VAL D 217 14.42 26.88 -0.43
CA VAL D 217 15.45 27.93 -0.40
C VAL D 217 14.77 29.25 -0.72
N ASN D 218 14.80 30.18 0.23
CA ASN D 218 14.33 31.53 -0.02
C ASN D 218 15.41 32.31 -0.74
N VAL D 219 15.10 32.73 -1.97
CA VAL D 219 16.00 33.52 -2.80
C VAL D 219 15.44 34.94 -2.87
N HIS D 220 16.32 35.92 -2.65
CA HIS D 220 15.97 37.34 -2.78
C HIS D 220 17.08 38.01 -3.59
N VAL D 221 16.74 38.49 -4.77
CA VAL D 221 17.68 39.11 -5.69
C VAL D 221 17.29 40.57 -5.82
N THR D 222 18.18 41.47 -5.41
CA THR D 222 18.00 42.91 -5.62
C THR D 222 19.05 43.32 -6.66
N ASN D 223 18.61 43.45 -7.90
CA ASN D 223 19.51 43.80 -9.00
C ASN D 223 19.43 45.30 -9.23
N ASN D 224 20.42 46.03 -8.69
CA ASN D 224 20.57 47.45 -8.97
C ASN D 224 21.65 47.71 -10.01
N SER D 225 22.26 46.67 -10.55
CA SER D 225 23.31 46.81 -11.56
C SER D 225 22.69 46.70 -12.94
N THR D 226 23.52 46.90 -13.96
CA THR D 226 23.07 46.96 -15.34
C THR D 226 23.05 45.60 -16.02
N LYS D 227 23.42 44.53 -15.32
CA LYS D 227 23.48 43.21 -15.90
C LYS D 227 22.20 42.45 -15.59
N THR D 228 21.65 41.79 -16.61
CA THR D 228 20.38 41.07 -16.48
C THR D 228 20.68 39.61 -16.17
N VAL D 229 19.99 39.07 -15.17
CA VAL D 229 20.18 37.68 -14.78
C VAL D 229 19.57 36.77 -15.83
N LYS D 230 20.37 35.84 -16.33
CA LYS D 230 19.91 34.91 -17.37
C LYS D 230 19.40 33.60 -16.79
N LYS D 231 19.90 33.19 -15.62
CA LYS D 231 19.41 32.00 -14.94
C LYS D 231 19.64 32.14 -13.44
N ILE D 232 18.87 31.39 -12.67
CA ILE D 232 19.15 31.16 -11.25
C ILE D 232 19.23 29.66 -11.04
N LYS D 233 20.29 29.21 -10.37
CA LYS D 233 20.51 27.79 -10.11
C LYS D 233 20.62 27.57 -8.61
N VAL D 234 19.68 26.81 -8.06
CA VAL D 234 19.76 26.28 -6.70
C VAL D 234 20.20 24.83 -6.87
N SER D 235 21.42 24.53 -6.44
CA SER D 235 21.99 23.20 -6.59
C SER D 235 22.47 22.67 -5.25
N VAL D 236 22.75 21.37 -5.21
CA VAL D 236 23.27 20.70 -4.03
C VAL D 236 24.67 20.16 -4.35
N ARG D 237 25.65 20.51 -3.52
CA ARG D 237 26.99 19.97 -3.58
C ARG D 237 27.22 19.07 -2.39
N GLN D 238 27.62 17.84 -2.65
CA GLN D 238 27.84 16.82 -1.63
C GLN D 238 29.33 16.59 -1.50
N TYR D 239 29.94 17.23 -0.52
CA TYR D 239 31.38 17.17 -0.33
C TYR D 239 31.72 15.93 0.48
N ALA D 240 32.34 14.96 -0.17
CA ALA D 240 32.74 13.69 0.45
C ALA D 240 34.25 13.56 0.28
N ASP D 241 34.99 14.06 1.27
CA ASP D 241 36.44 14.09 1.21
C ASP D 241 37.01 12.78 1.76
N ILE D 242 37.87 12.16 0.98
CA ILE D 242 38.60 10.96 1.38
C ILE D 242 39.89 11.43 2.03
N CYS D 243 39.90 11.50 3.36
CA CYS D 243 41.07 11.91 4.13
C CYS D 243 41.76 10.68 4.70
N LEU D 244 42.96 10.38 4.20
CA LEU D 244 43.67 9.19 4.62
C LEU D 244 44.57 9.51 5.81
N GLN D 249 38.20 15.74 -1.21
CA GLN D 249 36.95 16.49 -1.30
C GLN D 249 36.68 16.87 -2.76
N TYR D 250 35.45 16.64 -3.19
CA TYR D 250 35.05 16.83 -4.58
C TYR D 250 33.67 17.45 -4.66
N LYS D 251 33.48 18.33 -5.63
CA LYS D 251 32.16 18.89 -5.88
C LYS D 251 31.30 17.88 -6.62
N CYS D 252 30.07 17.70 -6.13
CA CYS D 252 29.18 16.68 -6.64
C CYS D 252 27.85 17.31 -7.05
N PRO D 253 27.54 17.38 -8.35
CA PRO D 253 26.24 17.92 -8.74
C PRO D 253 25.16 16.85 -8.71
N VAL D 254 24.23 16.96 -7.77
CA VAL D 254 23.16 15.99 -7.62
C VAL D 254 21.80 16.57 -8.00
N ALA D 255 21.38 17.67 -7.39
CA ALA D 255 20.10 18.28 -7.67
C ALA D 255 20.34 19.72 -8.10
N GLN D 256 19.63 20.17 -9.13
CA GLN D 256 19.91 21.47 -9.74
C GLN D 256 18.62 21.99 -10.36
N VAL D 257 17.93 22.88 -9.64
CA VAL D 257 16.66 23.46 -10.13
C VAL D 257 17.03 24.73 -10.88
N GLU D 258 17.38 24.57 -12.16
CA GLU D 258 17.75 25.69 -12.99
C GLU D 258 16.49 26.36 -13.54
N GLN D 259 16.28 27.62 -13.16
CA GLN D 259 15.12 28.37 -13.61
C GLN D 259 15.55 29.66 -14.29
N ASP D 260 14.98 29.92 -15.46
CA ASP D 260 15.32 31.13 -16.20
C ASP D 260 14.61 32.33 -15.59
N ASP D 261 14.81 32.55 -14.29
CA ASP D 261 14.18 33.67 -13.59
C ASP D 261 15.11 34.87 -13.68
N GLN D 262 14.74 35.82 -14.54
CA GLN D 262 15.59 36.96 -14.86
C GLN D 262 15.12 38.17 -14.07
N VAL D 263 16.04 38.82 -13.39
CA VAL D 263 15.74 39.97 -12.54
C VAL D 263 16.32 41.20 -13.24
N SER D 264 15.45 42.13 -13.62
CA SER D 264 15.86 43.28 -14.41
C SER D 264 16.60 44.29 -13.54
N PRO D 265 17.32 45.22 -14.16
CA PRO D 265 18.06 46.22 -13.38
C PRO D 265 17.14 47.01 -12.45
N SER D 266 17.66 47.29 -11.25
CA SER D 266 16.90 47.98 -10.22
C SER D 266 15.57 47.28 -9.93
N SER D 267 15.57 45.96 -9.90
CA SER D 267 14.38 45.17 -9.67
C SER D 267 14.62 44.13 -8.58
N THR D 268 13.54 43.76 -7.90
CA THR D 268 13.57 42.77 -6.82
C THR D 268 12.85 41.52 -7.27
N PHE D 269 13.51 40.37 -7.12
CA PHE D 269 12.95 39.06 -7.41
C PHE D 269 13.03 38.21 -6.14
N CYS D 270 11.89 37.98 -5.51
CA CYS D 270 11.87 37.30 -4.23
C CYS D 270 10.92 36.11 -4.34
N LYS D 271 11.43 34.90 -4.09
CA LYS D 271 10.58 33.72 -4.12
C LYS D 271 11.34 32.57 -3.50
N VAL D 272 10.68 31.41 -3.45
CA VAL D 272 11.26 30.21 -2.84
C VAL D 272 11.36 29.12 -3.90
N TYR D 273 12.52 28.49 -3.97
CA TYR D 273 12.70 27.25 -4.72
C TYR D 273 12.51 26.07 -3.78
N THR D 274 12.24 24.90 -4.36
CA THR D 274 12.19 23.65 -3.62
C THR D 274 12.98 22.61 -4.41
N ILE D 275 14.16 22.26 -3.89
CA ILE D 275 15.03 21.27 -4.50
C ILE D 275 15.20 20.12 -3.52
N THR D 276 15.19 18.91 -4.06
CA THR D 276 15.19 17.72 -3.23
C THR D 276 16.30 16.77 -3.69
N PRO D 277 17.26 16.44 -2.83
CA PRO D 277 18.29 15.44 -3.19
C PRO D 277 17.74 14.03 -3.00
N LEU D 278 17.74 13.26 -4.09
CA LEU D 278 17.24 11.90 -4.09
C LEU D 278 18.25 11.01 -4.79
N LEU D 279 18.35 9.77 -4.31
CA LEU D 279 19.25 8.81 -4.92
C LEU D 279 18.80 8.39 -6.32
N SER D 280 17.62 8.86 -6.76
CA SER D 280 17.06 8.40 -8.03
C SER D 280 17.99 8.69 -9.19
N ASN D 281 18.39 9.95 -9.33
CA ASN D 281 19.28 10.37 -10.42
C ASN D 281 20.74 10.34 -10.02
N ASN D 282 21.03 9.96 -8.77
CA ASN D 282 22.39 9.80 -8.29
C ASN D 282 22.90 8.38 -8.47
N ARG D 283 22.36 7.65 -9.45
CA ARG D 283 22.75 6.26 -9.67
C ARG D 283 23.99 6.13 -10.55
N GLU D 284 24.16 7.01 -11.52
CA GLU D 284 25.30 6.99 -12.43
C GLU D 284 26.41 7.89 -11.92
N LYS D 285 26.53 8.00 -10.60
CA LYS D 285 27.52 8.87 -9.96
C LYS D 285 28.50 7.99 -9.21
N ARG D 286 29.59 7.60 -9.88
CA ARG D 286 30.68 6.91 -9.20
C ARG D 286 31.33 7.87 -8.23
N GLY D 287 31.92 7.33 -7.17
CA GLY D 287 32.50 8.18 -6.14
C GLY D 287 31.48 8.86 -5.26
N LEU D 288 30.22 8.49 -5.38
CA LEU D 288 29.17 9.07 -4.55
C LEU D 288 29.14 8.35 -3.22
N ALA D 289 28.97 9.11 -2.15
CA ALA D 289 29.06 8.57 -0.79
C ALA D 289 27.70 8.04 -0.36
N LEU D 290 27.59 6.72 -0.25
CA LEU D 290 26.39 6.07 0.23
C LEU D 290 26.61 5.55 1.64
N ASP D 291 25.52 5.21 2.31
CA ASP D 291 25.61 4.62 3.63
C ASP D 291 25.97 3.15 3.52
N GLY D 292 26.32 2.55 4.66
CA GLY D 292 26.90 1.21 4.66
C GLY D 292 25.95 0.19 4.08
N LYS D 293 26.42 -0.56 3.08
CA LYS D 293 25.61 -1.54 2.36
C LYS D 293 25.97 -2.94 2.89
N LEU D 294 25.09 -3.50 3.69
CA LEU D 294 25.30 -4.85 4.21
C LEU D 294 24.90 -5.86 3.14
N LYS D 295 25.88 -6.35 2.38
CA LYS D 295 25.68 -7.46 1.46
C LYS D 295 24.85 -7.06 0.24
N HIS D 296 25.13 -5.90 -0.34
CA HIS D 296 24.55 -5.48 -1.62
C HIS D 296 23.04 -5.22 -1.50
N GLU D 297 22.62 -4.64 -0.38
CA GLU D 297 21.32 -4.00 -0.30
C GLU D 297 21.34 -2.70 -1.09
N ASP D 298 20.32 -1.86 -0.90
CA ASP D 298 20.40 -0.47 -1.32
C ASP D 298 20.19 0.44 -0.11
N THR D 299 20.84 1.59 -0.14
CA THR D 299 20.90 2.51 1.00
C THR D 299 20.79 3.95 0.52
N ASN D 300 20.95 4.87 1.46
CA ASN D 300 20.66 6.28 1.28
C ASN D 300 21.85 6.98 0.62
N LEU D 301 21.85 8.31 0.67
CA LEU D 301 23.06 9.10 0.43
C LEU D 301 23.79 9.25 1.75
N ALA D 302 25.11 9.11 1.70
CA ALA D 302 25.90 9.14 2.93
C ALA D 302 25.46 10.28 3.81
N SER D 303 24.88 9.94 4.97
CA SER D 303 24.32 10.95 5.83
C SER D 303 25.36 12.01 6.13
N SER D 304 24.90 13.16 6.62
CA SER D 304 25.79 14.27 6.88
C SER D 304 26.55 13.99 8.17
N THR D 305 27.86 13.82 8.05
CA THR D 305 28.68 13.47 9.20
C THR D 305 28.64 14.58 10.24
N ILE D 306 28.70 14.20 11.50
CA ILE D 306 28.81 15.15 12.61
C ILE D 306 30.22 15.02 13.17
N VAL D 307 31.13 15.86 12.68
CA VAL D 307 32.53 15.78 13.09
C VAL D 307 32.65 16.22 14.55
N LEU D 316 38.11 11.09 10.64
CA LEU D 316 39.38 10.38 10.54
C LEU D 316 39.45 9.54 9.28
N GLY D 317 38.29 9.34 8.65
CA GLY D 317 38.21 8.68 7.36
C GLY D 317 37.65 9.58 6.28
N ILE D 318 36.41 9.33 5.88
CA ILE D 318 35.73 10.10 4.84
C ILE D 318 34.77 11.07 5.53
N LEU D 319 34.88 12.34 5.18
CA LEU D 319 34.09 13.40 5.80
C LEU D 319 33.05 13.90 4.81
N VAL D 320 31.80 13.98 5.24
CA VAL D 320 30.68 14.30 4.37
C VAL D 320 30.00 15.57 4.89
N SER D 321 29.88 16.57 4.02
CA SER D 321 29.08 17.75 4.27
C SER D 321 28.25 18.05 3.02
N TYR D 322 27.23 18.88 3.19
CA TYR D 322 26.31 19.21 2.09
C TYR D 322 26.05 20.71 2.06
N ARG D 323 25.95 21.27 0.86
CA ARG D 323 25.72 22.71 0.72
C ARG D 323 24.79 23.01 -0.45
N VAL D 324 23.83 23.89 -0.21
CA VAL D 324 22.94 24.40 -1.24
C VAL D 324 23.54 25.69 -1.79
N LYS D 325 23.80 25.69 -3.10
CA LYS D 325 24.46 26.79 -3.79
C LYS D 325 23.45 27.53 -4.65
N VAL D 326 23.28 28.82 -4.38
CA VAL D 326 22.45 29.72 -5.17
C VAL D 326 23.37 30.55 -6.04
N LYS D 327 23.25 30.37 -7.35
CA LYS D 327 24.15 30.99 -8.32
C LYS D 327 23.34 31.73 -9.37
N LEU D 328 23.67 33.00 -9.57
CA LEU D 328 23.02 33.85 -10.57
C LEU D 328 23.91 33.89 -11.80
N VAL D 329 23.36 33.49 -12.95
CA VAL D 329 24.13 33.48 -14.19
C VAL D 329 23.98 34.86 -14.83
N VAL D 330 25.00 35.71 -14.69
CA VAL D 330 24.98 37.06 -15.23
C VAL D 330 25.73 37.10 -16.55
N ASP D 343 29.12 36.09 -11.86
CA ASP D 343 28.27 35.00 -11.40
C ASP D 343 28.31 34.91 -9.89
N VAL D 344 27.80 35.94 -9.21
CA VAL D 344 27.78 35.98 -7.76
C VAL D 344 27.05 34.74 -7.26
N SER D 345 27.69 33.99 -6.37
CA SER D 345 27.10 32.77 -5.82
C SER D 345 27.23 32.81 -4.30
N VAL D 346 26.27 32.18 -3.63
CA VAL D 346 26.30 31.99 -2.19
C VAL D 346 25.97 30.54 -1.89
N GLU D 347 26.29 30.09 -0.68
CA GLU D 347 26.08 28.71 -0.31
C GLU D 347 25.64 28.62 1.15
N LEU D 348 24.82 27.62 1.44
CA LEU D 348 24.34 27.36 2.79
C LEU D 348 24.54 25.89 3.15
N PRO D 349 25.20 25.59 4.27
CA PRO D 349 25.36 24.20 4.67
C PRO D 349 24.13 23.67 5.41
N PHE D 350 23.75 22.44 5.07
CA PHE D 350 22.58 21.82 5.67
C PHE D 350 22.90 20.38 6.04
N VAL D 351 22.05 19.80 6.88
CA VAL D 351 22.20 18.46 7.40
C VAL D 351 21.18 17.54 6.73
N LEU D 352 21.62 16.34 6.38
CA LEU D 352 20.87 15.40 5.56
C LEU D 352 20.86 14.02 6.20
N MET D 353 20.49 13.93 7.47
CA MET D 353 20.54 12.69 8.24
C MET D 353 19.14 12.16 8.52
N HIS D 354 19.03 10.84 8.73
CA HIS D 354 17.74 10.21 9.00
C HIS D 354 17.22 10.58 10.38
N PRO D 355 15.93 10.40 10.61
CA PRO D 355 15.39 10.59 11.96
C PRO D 355 15.34 9.28 12.72
N LYS D 356 15.59 9.37 14.02
CA LYS D 356 15.45 8.20 14.87
C LYS D 356 13.97 7.88 15.04
N PRO D 357 13.51 6.68 14.66
CA PRO D 357 12.11 6.34 14.88
C PRO D 357 11.70 6.41 16.35
#